data_1RQQ
#
_entry.id   1RQQ
#
_cell.length_a   87.216
_cell.length_b   96.443
_cell.length_c   121.993
_cell.angle_alpha   90.00
_cell.angle_beta   90.00
_cell.angle_gamma   90.00
#
_symmetry.space_group_name_H-M   'P 21 21 21'
#
loop_
_entity.id
_entity.type
_entity.pdbx_description
1 polymer 'Insulin receptor'
2 polymer 'adaptor protein APS'
3 polymer 'BISUBSTRATE INHIBITOR'
4 non-polymer 'MANGANESE (II) ION'
5 non-polymer 'THIOPHOSPHORIC ACID O-((ADENOSYL-PHOSPHO)PHOSPHO)-S-ACETAMIDYL-DIESTER'
6 water water
#
loop_
_entity_poly.entity_id
_entity_poly.type
_entity_poly.pdbx_seq_one_letter_code
_entity_poly.pdbx_strand_id
1 'polypeptide(L)'
;VFPSSVYVPDEWEVSREKITLLRELGQGSFGMVYEGNARDIIKGEAETRVAVKTVNESASLRERIEFLNEASVMKGFTCH
HVVRLLGVVSKGQPTLVVMELMAHGDLKSYLRSLRPEAENNPGRPPPTLQEMIQMAAEIADGMAYLNAKKFVHRDLAARN
CMVAHDFTVKIGDFGMTRDI(PTR)ETD(PTR)(PTR)RKGGKGLLPVRWMAPESLKDGVFTTSSDMWSFGVVLWEITSL
AEQPYQGLSNEQVLKFVMDGGYLDQPDNCPERVTDLMRMCWQFNPNMRPTFLEIVNLLKDDLHPSFPEVSFFHSEENK
;
A,B
2 'polypeptide(L)'
;GSHMELELSDYPWFHGTLSRVKAAQLVLAGGPRSHGLFVIRQSETRPGECVLTFNFQGKAKHLRLSLNGHGQCHVQHLWF
QSVFDMLRHFHTHPIPLESGGSADITLRSYVRAQ
;
C,D
3 'polypeptide(L)' KKKLPATGDFMNMSPVGD E,F
#
loop_
_chem_comp.id
_chem_comp.type
_chem_comp.name
_chem_comp.formula
112 non-polymer 'THIOPHOSPHORIC ACID O-((ADENOSYL-PHOSPHO)PHOSPHO)-S-ACETAMIDYL-DIESTER' 'C12 H19 N6 O13 P3 S'
MN non-polymer 'MANGANESE (II) ION' 'Mn 2'
#
# COMPACT_ATOMS: atom_id res chain seq x y z
N ASP A 10 9.12 8.28 -1.83
CA ASP A 10 10.32 9.16 -1.89
C ASP A 10 9.84 10.60 -1.86
N GLU A 11 8.75 10.82 -1.13
CA GLU A 11 8.18 12.15 -1.04
C GLU A 11 9.08 13.06 -0.21
N TRP A 12 10.02 12.45 0.50
CA TRP A 12 10.97 13.18 1.35
C TRP A 12 12.33 13.38 0.70
N GLU A 13 12.50 12.80 -0.49
CA GLU A 13 13.76 12.93 -1.21
C GLU A 13 14.05 14.38 -1.55
N VAL A 14 15.33 14.73 -1.48
CA VAL A 14 15.75 16.09 -1.80
C VAL A 14 17.03 16.03 -2.63
N SER A 15 17.12 16.89 -3.64
CA SER A 15 18.28 16.94 -4.51
C SER A 15 19.54 17.29 -3.71
N ARG A 16 20.58 16.46 -3.88
CA ARG A 16 21.85 16.66 -3.20
C ARG A 16 22.44 18.04 -3.47
N GLU A 17 21.91 18.69 -4.50
CA GLU A 17 22.36 20.01 -4.92
C GLU A 17 21.79 21.11 -4.05
N LYS A 18 20.61 20.85 -3.49
CA LYS A 18 19.94 21.81 -2.63
C LYS A 18 20.59 21.85 -1.25
N ILE A 19 21.55 20.94 -1.03
CA ILE A 19 22.25 20.84 0.25
C ILE A 19 23.69 21.35 0.20
N THR A 20 24.08 22.06 1.25
CA THR A 20 25.41 22.62 1.38
C THR A 20 25.87 22.49 2.82
N LEU A 21 26.96 21.78 3.05
CA LEU A 21 27.48 21.61 4.40
C LEU A 21 28.35 22.80 4.79
N LEU A 22 28.08 23.35 5.97
CA LEU A 22 28.82 24.50 6.49
C LEU A 22 30.00 24.06 7.34
N ARG A 23 29.71 23.47 8.49
CA ARG A 23 30.75 23.01 9.38
C ARG A 23 30.36 21.65 9.95
N GLU A 24 31.15 21.17 10.90
CA GLU A 24 30.88 19.91 11.55
C GLU A 24 30.32 20.28 12.91
N LEU A 25 29.19 19.67 13.28
CA LEU A 25 28.57 19.96 14.56
C LEU A 25 29.07 19.01 15.63
N GLY A 26 29.24 17.75 15.26
CA GLY A 26 29.70 16.76 16.22
C GLY A 26 29.78 15.39 15.60
N GLN A 27 30.59 14.54 16.21
CA GLN A 27 30.77 13.20 15.72
C GLN A 27 29.77 12.27 16.38
N GLY A 28 29.17 11.40 15.57
CA GLY A 28 28.23 10.43 16.08
C GLY A 28 28.97 9.12 16.16
N SER A 29 28.39 8.12 16.82
CA SER A 29 29.08 6.83 16.93
C SER A 29 29.48 6.18 15.61
N PHE A 30 28.73 6.41 14.53
CA PHE A 30 29.10 5.84 13.24
C PHE A 30 28.81 6.77 12.10
N GLY A 31 28.82 8.06 12.38
CA GLY A 31 28.56 9.04 11.37
C GLY A 31 28.99 10.39 11.88
N MET A 32 28.85 11.41 11.03
CA MET A 32 29.23 12.76 11.40
C MET A 32 28.01 13.63 11.23
N VAL A 33 27.79 14.56 12.16
CA VAL A 33 26.67 15.46 12.04
C VAL A 33 27.19 16.84 11.67
N TYR A 34 26.68 17.35 10.55
CA TYR A 34 27.09 18.65 10.03
C TYR A 34 25.98 19.69 10.10
N GLU A 35 26.40 20.96 10.09
CA GLU A 35 25.45 22.06 10.05
C GLU A 35 25.51 22.44 8.58
N GLY A 36 24.41 22.92 8.02
CA GLY A 36 24.45 23.30 6.62
C GLY A 36 23.23 24.11 6.21
N ASN A 37 23.10 24.35 4.92
CA ASN A 37 21.98 25.10 4.39
C ASN A 37 21.20 24.21 3.45
N ALA A 38 19.89 24.44 3.35
CA ALA A 38 19.05 23.67 2.46
C ALA A 38 18.15 24.64 1.72
N ARG A 39 18.22 24.62 0.40
CA ARG A 39 17.41 25.50 -0.42
C ARG A 39 16.05 24.88 -0.72
N ASP A 40 14.99 25.65 -0.50
CA ASP A 40 13.63 25.19 -0.79
C ASP A 40 13.28 23.87 -0.15
N ILE A 41 13.63 23.68 1.12
CA ILE A 41 13.31 22.44 1.78
C ILE A 41 11.99 22.60 2.54
N ILE A 42 11.66 23.85 2.86
CA ILE A 42 10.43 24.20 3.54
C ILE A 42 9.74 25.26 2.70
N LYS A 43 8.57 24.94 2.16
CA LYS A 43 7.83 25.89 1.34
C LYS A 43 7.71 27.22 2.07
N GLY A 44 8.13 28.29 1.40
CA GLY A 44 8.06 29.61 2.02
C GLY A 44 9.43 30.10 2.45
N GLU A 45 10.43 29.22 2.34
CA GLU A 45 11.79 29.55 2.72
C GLU A 45 12.79 29.28 1.61
N ALA A 46 13.60 30.28 1.30
CA ALA A 46 14.62 30.17 0.26
C ALA A 46 15.64 29.13 0.72
N GLU A 47 16.32 29.44 1.82
CA GLU A 47 17.29 28.51 2.39
C GLU A 47 17.03 28.40 3.88
N THR A 48 17.21 27.20 4.42
CA THR A 48 16.98 26.94 5.84
C THR A 48 18.22 26.31 6.47
N ARG A 49 18.63 26.83 7.61
CA ARG A 49 19.79 26.28 8.30
C ARG A 49 19.34 24.96 8.89
N VAL A 50 20.10 23.90 8.65
CA VAL A 50 19.72 22.57 9.13
C VAL A 50 20.89 21.77 9.66
N ALA A 51 20.57 20.59 10.18
CA ALA A 51 21.56 19.65 10.69
C ALA A 51 21.54 18.54 9.65
N VAL A 52 22.67 17.92 9.40
CA VAL A 52 22.73 16.84 8.41
C VAL A 52 23.48 15.65 8.98
N LYS A 53 22.79 14.51 9.10
CA LYS A 53 23.40 13.30 9.61
C LYS A 53 23.94 12.45 8.47
N THR A 54 25.09 11.82 8.69
CA THR A 54 25.71 10.96 7.69
C THR A 54 26.27 9.70 8.31
N VAL A 55 26.69 8.78 7.45
CA VAL A 55 27.25 7.51 7.86
C VAL A 55 28.67 7.37 7.33
N ASN A 56 29.59 6.91 8.17
CA ASN A 56 30.97 6.71 7.73
C ASN A 56 30.99 5.57 6.71
N GLU A 57 31.87 5.64 5.72
CA GLU A 57 31.95 4.59 4.72
C GLU A 57 32.18 3.24 5.44
N SER A 58 33.02 3.26 6.47
CA SER A 58 33.33 2.06 7.22
C SER A 58 32.20 1.58 8.14
N ALA A 59 31.04 2.21 8.06
CA ALA A 59 29.91 1.82 8.91
C ALA A 59 29.32 0.49 8.48
N SER A 60 29.00 -0.35 9.46
CA SER A 60 28.43 -1.66 9.22
C SER A 60 26.99 -1.60 8.75
N LEU A 61 26.54 -2.68 8.14
CA LEU A 61 25.18 -2.82 7.63
C LEU A 61 24.18 -2.59 8.76
N ARG A 62 24.46 -3.22 9.90
CA ARG A 62 23.61 -3.11 11.07
C ARG A 62 23.43 -1.66 11.48
N GLU A 63 24.49 -0.88 11.30
CA GLU A 63 24.47 0.52 11.65
C GLU A 63 23.75 1.32 10.57
N ARG A 64 23.87 0.89 9.32
CA ARG A 64 23.22 1.57 8.21
C ARG A 64 21.71 1.40 8.34
N ILE A 65 21.28 0.20 8.73
CA ILE A 65 19.87 -0.09 8.90
C ILE A 65 19.30 0.77 10.02
N GLU A 66 20.06 0.89 11.10
CA GLU A 66 19.64 1.71 12.23
C GLU A 66 19.48 3.16 11.77
N PHE A 67 20.48 3.65 11.05
CA PHE A 67 20.50 5.00 10.52
C PHE A 67 19.26 5.24 9.66
N LEU A 68 18.93 4.27 8.82
CA LEU A 68 17.76 4.37 7.95
C LEU A 68 16.46 4.23 8.75
N ASN A 69 16.54 3.56 9.89
CA ASN A 69 15.37 3.37 10.74
C ASN A 69 14.96 4.72 11.36
N GLU A 70 15.93 5.45 11.89
CA GLU A 70 15.68 6.73 12.50
C GLU A 70 14.96 7.64 11.51
N ALA A 71 15.48 7.70 10.29
CA ALA A 71 14.87 8.54 9.27
C ALA A 71 13.46 8.09 9.02
N SER A 72 13.31 6.81 8.77
CA SER A 72 12.03 6.22 8.47
C SER A 72 10.97 6.57 9.53
N VAL A 73 11.25 6.35 10.81
CA VAL A 73 10.25 6.66 11.82
C VAL A 73 9.95 8.16 12.01
N MET A 74 10.94 9.02 11.79
CA MET A 74 10.70 10.46 11.92
C MET A 74 9.71 10.96 10.86
N LYS A 75 9.62 10.26 9.74
CA LYS A 75 8.70 10.65 8.68
C LYS A 75 7.26 10.81 9.15
N GLY A 76 6.84 9.99 10.09
CA GLY A 76 5.48 10.09 10.58
C GLY A 76 5.27 11.02 11.77
N PHE A 77 6.30 11.76 12.16
CA PHE A 77 6.15 12.65 13.31
C PHE A 77 5.99 14.11 13.03
N THR A 78 5.11 14.74 13.79
CA THR A 78 4.89 16.17 13.66
C THR A 78 4.59 16.67 15.05
N CYS A 79 5.64 16.97 15.81
CA CYS A 79 5.45 17.45 17.17
C CYS A 79 6.50 18.49 17.50
N HIS A 80 6.05 19.56 18.14
CA HIS A 80 6.93 20.65 18.51
C HIS A 80 8.02 20.23 19.47
N HIS A 81 7.80 19.13 20.19
CA HIS A 81 8.79 18.66 21.15
C HIS A 81 9.55 17.43 20.69
N VAL A 82 9.60 17.24 19.39
CA VAL A 82 10.31 16.13 18.78
C VAL A 82 11.11 16.72 17.63
N VAL A 83 12.42 16.47 17.62
CA VAL A 83 13.26 17.00 16.55
C VAL A 83 12.60 16.61 15.25
N ARG A 84 12.43 17.58 14.37
CA ARG A 84 11.75 17.34 13.11
C ARG A 84 12.60 16.92 11.91
N LEU A 85 12.09 15.97 11.14
CA LEU A 85 12.76 15.49 9.96
C LEU A 85 12.44 16.47 8.83
N LEU A 86 13.44 16.88 8.07
CA LEU A 86 13.23 17.84 6.99
C LEU A 86 13.35 17.23 5.59
N GLY A 87 14.24 16.26 5.43
CA GLY A 87 14.41 15.64 4.13
C GLY A 87 15.48 14.57 4.11
N VAL A 88 15.56 13.87 2.98
CA VAL A 88 16.52 12.80 2.81
C VAL A 88 17.12 12.81 1.40
N VAL A 89 18.38 12.38 1.31
CA VAL A 89 19.08 12.28 0.04
C VAL A 89 19.57 10.84 0.00
N SER A 90 18.87 10.03 -0.78
CA SER A 90 19.21 8.61 -0.91
C SER A 90 19.91 8.32 -2.23
N LYS A 91 19.61 9.14 -3.24
CA LYS A 91 20.20 8.99 -4.57
C LYS A 91 21.73 9.11 -4.53
N GLY A 92 22.39 7.96 -4.66
CA GLY A 92 23.85 7.95 -4.63
C GLY A 92 24.37 8.29 -3.26
N GLN A 93 25.43 7.63 -2.82
CA GLN A 93 26.01 7.89 -1.52
C GLN A 93 26.88 9.16 -1.55
N PRO A 94 27.16 9.74 -0.37
CA PRO A 94 26.74 9.28 0.95
C PRO A 94 25.28 9.68 1.19
N THR A 95 24.57 8.91 2.00
CA THR A 95 23.18 9.23 2.28
C THR A 95 23.08 10.34 3.31
N LEU A 96 22.14 11.24 3.11
CA LEU A 96 21.98 12.36 4.01
C LEU A 96 20.61 12.47 4.65
N VAL A 97 20.59 12.62 5.97
CA VAL A 97 19.33 12.81 6.70
C VAL A 97 19.32 14.27 7.16
N VAL A 98 18.39 15.05 6.62
CA VAL A 98 18.29 16.45 6.99
C VAL A 98 17.19 16.69 8.02
N MET A 99 17.54 17.32 9.13
CA MET A 99 16.57 17.57 10.17
C MET A 99 16.72 18.99 10.72
N GLU A 100 15.86 19.39 11.66
CA GLU A 100 15.94 20.73 12.23
C GLU A 100 17.20 20.86 13.08
N LEU A 101 17.75 22.06 13.05
CA LEU A 101 18.96 22.38 13.77
C LEU A 101 18.65 22.70 15.22
N MET A 102 19.24 21.95 16.14
CA MET A 102 19.04 22.20 17.55
C MET A 102 20.24 23.03 17.96
N ALA A 103 20.08 24.34 17.85
CA ALA A 103 21.11 25.33 18.15
C ALA A 103 21.96 25.12 19.38
N HIS A 104 21.39 24.59 20.47
CA HIS A 104 22.16 24.37 21.69
C HIS A 104 22.60 22.94 21.92
N GLY A 105 22.63 22.15 20.85
CA GLY A 105 23.06 20.76 20.96
C GLY A 105 22.26 19.88 21.91
N ASP A 106 22.91 18.85 22.41
CA ASP A 106 22.24 17.92 23.30
C ASP A 106 22.17 18.42 24.74
N LEU A 107 21.12 17.97 25.43
CA LEU A 107 20.87 18.34 26.80
C LEU A 107 22.00 17.95 27.74
N LYS A 108 22.54 16.74 27.61
CA LYS A 108 23.61 16.32 28.51
C LYS A 108 24.74 17.31 28.47
N SER A 109 25.25 17.56 27.26
CA SER A 109 26.35 18.50 27.07
C SER A 109 25.98 19.85 27.63
N TYR A 110 24.73 20.25 27.43
CA TYR A 110 24.26 21.53 27.92
C TYR A 110 24.28 21.57 29.45
N LEU A 111 23.75 20.53 30.07
CA LEU A 111 23.72 20.44 31.53
C LEU A 111 25.12 20.50 32.12
N ARG A 112 26.09 19.84 31.47
CA ARG A 112 27.45 19.85 31.99
C ARG A 112 28.09 21.22 31.88
N SER A 113 27.66 22.00 30.90
CA SER A 113 28.21 23.34 30.73
C SER A 113 27.84 24.14 31.97
N LEU A 114 26.70 23.83 32.57
CA LEU A 114 26.25 24.57 33.75
C LEU A 114 26.98 24.24 35.05
N ARG A 115 27.80 23.19 35.03
CA ARG A 115 28.55 22.83 36.23
C ARG A 115 29.42 24.07 36.48
N PRO A 116 29.53 24.52 37.74
CA PRO A 116 30.34 25.72 38.02
C PRO A 116 31.78 25.57 37.50
N GLU A 117 32.35 24.40 37.71
CA GLU A 117 33.72 24.12 37.29
C GLU A 117 33.90 24.02 35.78
N ALA A 118 32.79 23.80 35.08
CA ALA A 118 32.80 23.65 33.62
C ALA A 118 33.65 24.69 32.88
N GLU A 119 34.65 24.19 32.16
CA GLU A 119 35.55 25.04 31.38
C GLU A 119 34.76 25.85 30.37
N ASN A 120 33.69 25.26 29.86
CA ASN A 120 32.85 25.93 28.87
C ASN A 120 31.59 26.53 29.49
N ASN A 121 31.64 26.77 30.80
CA ASN A 121 30.48 27.34 31.48
C ASN A 121 30.05 28.59 30.72
N PRO A 122 28.77 28.66 30.34
CA PRO A 122 28.29 29.84 29.61
C PRO A 122 28.42 31.10 30.47
N GLY A 123 27.36 31.45 31.17
CA GLY A 123 27.38 32.62 32.02
C GLY A 123 26.19 32.68 32.94
N ARG A 124 25.64 31.50 33.25
CA ARG A 124 24.49 31.41 34.13
C ARG A 124 24.67 30.28 35.13
N PRO A 125 23.79 30.23 36.14
CA PRO A 125 23.85 29.20 37.17
C PRO A 125 23.12 27.95 36.70
N PRO A 126 23.07 26.91 37.54
CA PRO A 126 22.37 25.68 37.17
C PRO A 126 20.90 25.98 36.92
N PRO A 127 20.21 25.08 36.22
CA PRO A 127 18.78 25.30 35.95
C PRO A 127 17.99 25.51 37.24
N THR A 128 16.89 26.23 37.12
CA THR A 128 16.04 26.51 38.27
C THR A 128 14.98 25.43 38.35
N LEU A 129 14.42 25.27 39.54
CA LEU A 129 13.36 24.29 39.74
C LEU A 129 12.37 24.49 38.59
N GLN A 130 12.02 25.75 38.36
CA GLN A 130 11.10 26.12 37.30
C GLN A 130 11.62 25.65 35.93
N GLU A 131 12.85 26.00 35.62
CA GLU A 131 13.44 25.61 34.36
C GLU A 131 13.46 24.11 34.19
N MET A 132 13.64 23.38 35.28
CA MET A 132 13.67 21.95 35.21
C MET A 132 12.29 21.41 34.92
N ILE A 133 11.26 21.94 35.58
CA ILE A 133 9.92 21.46 35.32
C ILE A 133 9.54 21.70 33.85
N GLN A 134 10.02 22.79 33.28
CA GLN A 134 9.75 23.12 31.89
C GLN A 134 10.37 22.03 31.00
N MET A 135 11.64 21.73 31.24
CA MET A 135 12.32 20.71 30.48
C MET A 135 11.58 19.37 30.62
N ALA A 136 11.25 19.01 31.85
CA ALA A 136 10.55 17.76 32.13
C ALA A 136 9.24 17.64 31.38
N ALA A 137 8.43 18.68 31.43
CA ALA A 137 7.14 18.64 30.75
C ALA A 137 7.37 18.56 29.23
N GLU A 138 8.34 19.32 28.74
CA GLU A 138 8.64 19.32 27.32
C GLU A 138 9.07 17.93 26.85
N ILE A 139 9.93 17.30 27.63
CA ILE A 139 10.38 15.96 27.28
C ILE A 139 9.20 14.99 27.38
N ALA A 140 8.45 15.07 28.48
CA ALA A 140 7.32 14.17 28.67
C ALA A 140 6.28 14.34 27.57
N ASP A 141 6.08 15.59 27.14
CA ASP A 141 5.12 15.83 26.08
C ASP A 141 5.56 15.15 24.78
N GLY A 142 6.87 15.27 24.48
CA GLY A 142 7.38 14.66 23.27
C GLY A 142 7.22 13.14 23.27
N MET A 143 7.42 12.55 24.44
CA MET A 143 7.31 11.11 24.59
C MET A 143 5.89 10.65 24.48
N ALA A 144 4.97 11.46 25.02
CA ALA A 144 3.55 11.13 25.00
C ALA A 144 3.11 11.04 23.53
N TYR A 145 3.56 11.98 22.73
CA TYR A 145 3.23 11.97 21.30
C TYR A 145 3.74 10.63 20.73
N LEU A 146 5.02 10.35 20.97
CA LEU A 146 5.61 9.11 20.51
C LEU A 146 4.73 7.92 20.87
N ASN A 147 4.39 7.80 22.15
CA ASN A 147 3.55 6.71 22.62
C ASN A 147 2.21 6.72 21.90
N ALA A 148 1.60 7.89 21.80
CA ALA A 148 0.32 8.00 21.12
C ALA A 148 0.43 7.42 19.70
N LYS A 149 1.57 7.64 19.04
CA LYS A 149 1.77 7.15 17.69
C LYS A 149 2.15 5.69 17.68
N LYS A 150 2.17 5.08 18.87
CA LYS A 150 2.51 3.67 19.01
C LYS A 150 3.95 3.33 18.67
N PHE A 151 4.86 4.10 19.25
CA PHE A 151 6.29 3.86 19.08
C PHE A 151 6.90 3.88 20.47
N VAL A 152 7.91 3.04 20.68
CA VAL A 152 8.62 3.02 21.95
C VAL A 152 10.02 3.50 21.57
N HIS A 153 10.55 4.49 22.29
CA HIS A 153 11.85 5.07 21.97
C HIS A 153 13.03 4.16 22.26
N ARG A 154 13.01 3.51 23.42
CA ARG A 154 14.07 2.60 23.84
C ARG A 154 15.40 3.22 24.20
N ASP A 155 15.60 4.49 23.89
CA ASP A 155 16.87 5.11 24.23
C ASP A 155 16.73 6.55 24.74
N LEU A 156 15.77 6.77 25.62
CA LEU A 156 15.59 8.11 26.16
C LEU A 156 16.71 8.37 27.16
N ALA A 157 17.41 9.47 26.97
CA ALA A 157 18.52 9.84 27.82
C ALA A 157 18.90 11.29 27.48
N ALA A 158 19.57 11.96 28.41
CA ALA A 158 19.96 13.35 28.19
C ALA A 158 20.77 13.57 26.91
N ARG A 159 21.62 12.61 26.55
CA ARG A 159 22.41 12.79 25.34
C ARG A 159 21.53 12.78 24.11
N ASN A 160 20.35 12.18 24.20
CA ASN A 160 19.43 12.13 23.07
C ASN A 160 18.32 13.17 23.11
N CYS A 161 18.40 14.09 24.08
CA CYS A 161 17.44 15.17 24.19
C CYS A 161 18.17 16.37 23.61
N MET A 162 17.49 17.17 22.79
CA MET A 162 18.16 18.30 22.18
C MET A 162 17.60 19.62 22.66
N VAL A 163 18.44 20.65 22.60
CA VAL A 163 18.04 21.97 23.04
C VAL A 163 18.02 22.98 21.90
N ALA A 164 16.87 23.62 21.74
CA ALA A 164 16.64 24.62 20.71
C ALA A 164 17.30 25.95 21.07
N HIS A 165 17.38 26.86 20.10
CA HIS A 165 17.99 28.16 20.32
C HIS A 165 17.32 28.91 21.45
N ASP A 166 16.04 28.60 21.70
CA ASP A 166 15.27 29.24 22.77
C ASP A 166 15.25 28.37 24.01
N PHE A 167 16.04 27.30 23.99
CA PHE A 167 16.15 26.36 25.10
C PHE A 167 14.99 25.39 25.28
N THR A 168 14.15 25.26 24.26
CA THR A 168 13.04 24.29 24.30
C THR A 168 13.72 22.94 24.13
N VAL A 169 13.35 21.97 24.95
CA VAL A 169 13.95 20.66 24.83
C VAL A 169 13.07 19.76 23.97
N LYS A 170 13.71 18.95 23.12
CA LYS A 170 12.97 18.06 22.25
C LYS A 170 13.63 16.69 22.20
N ILE A 171 12.81 15.68 21.91
CA ILE A 171 13.24 14.30 21.82
C ILE A 171 13.95 14.08 20.48
N GLY A 172 15.09 13.39 20.51
CA GLY A 172 15.83 13.12 19.29
C GLY A 172 16.39 11.71 19.26
N ASP A 173 17.22 11.41 18.25
CA ASP A 173 17.85 10.11 18.08
C ASP A 173 16.88 8.93 18.14
N PHE A 174 16.31 8.58 16.98
CA PHE A 174 15.37 7.48 16.91
C PHE A 174 15.94 6.18 16.33
N GLY A 175 17.24 6.00 16.47
CA GLY A 175 17.89 4.79 15.98
C GLY A 175 17.32 3.51 16.54
N MET A 176 17.08 3.48 17.86
CA MET A 176 16.53 2.30 18.51
C MET A 176 15.01 2.27 18.62
N THR A 177 14.35 3.30 18.12
CA THR A 177 12.90 3.38 18.21
C THR A 177 12.22 2.25 17.44
N ARG A 178 11.10 1.75 17.98
CA ARG A 178 10.36 0.67 17.33
C ARG A 178 8.85 0.89 17.32
N ASP A 179 8.22 0.41 16.26
CA ASP A 179 6.79 0.50 16.07
C ASP A 179 6.19 -0.61 16.92
N ILE A 180 5.27 -0.26 17.82
CA ILE A 180 4.66 -1.28 18.68
C ILE A 180 3.15 -1.25 18.52
N PTR A 181 2.69 -0.87 17.35
CA PTR A 181 1.26 -0.79 17.08
C PTR A 181 0.57 -2.14 17.26
O PTR A 181 -0.54 -2.21 17.78
CB PTR A 181 1.03 -0.29 15.64
CG PTR A 181 -0.39 0.16 15.36
CD1 PTR A 181 -1.41 -0.76 15.27
CD2 PTR A 181 -0.70 1.52 15.26
CE1 PTR A 181 -2.74 -0.34 15.07
CE2 PTR A 181 -2.03 1.94 15.07
CZ PTR A 181 -3.04 1.01 14.98
OH PTR A 181 -4.34 1.41 14.78
P PTR A 181 -5.21 1.91 16.01
O1P PTR A 181 -6.60 2.01 15.51
O2P PTR A 181 -4.64 3.24 16.30
O3P PTR A 181 -4.94 0.86 17.04
N GLU A 182 1.24 -3.22 16.85
CA GLU A 182 0.67 -4.55 16.93
C GLU A 182 0.55 -5.18 18.31
N THR A 183 1.52 -4.95 19.19
CA THR A 183 1.47 -5.57 20.50
C THR A 183 1.63 -4.66 21.71
N ASP A 184 2.03 -3.41 21.50
CA ASP A 184 2.24 -2.46 22.59
C ASP A 184 3.58 -2.71 23.27
N PTR A 185 4.39 -3.59 22.71
CA PTR A 185 5.70 -3.87 23.26
C PTR A 185 6.63 -4.39 22.18
O PTR A 185 6.18 -4.83 21.12
CB PTR A 185 5.59 -4.91 24.39
CG PTR A 185 5.31 -6.32 23.90
CD1 PTR A 185 6.34 -7.11 23.36
CD2 PTR A 185 4.02 -6.84 23.92
CE1 PTR A 185 6.06 -8.38 22.85
CE2 PTR A 185 3.74 -8.11 23.41
CZ PTR A 185 4.76 -8.86 22.87
OH PTR A 185 4.48 -10.08 22.34
P PTR A 185 4.84 -11.46 23.05
O1P PTR A 185 6.23 -11.71 22.63
O2P PTR A 185 3.80 -12.37 22.45
O3P PTR A 185 4.62 -11.19 24.51
N PTR A 186 7.93 -4.35 22.45
CA PTR A 186 8.91 -4.86 21.51
C PTR A 186 9.85 -5.76 22.31
O PTR A 186 10.26 -5.41 23.42
CB PTR A 186 9.67 -3.72 20.85
CG PTR A 186 10.98 -4.13 20.22
CD1 PTR A 186 12.18 -3.93 20.90
CD2 PTR A 186 11.02 -4.72 18.96
CE1 PTR A 186 13.38 -4.31 20.34
CE2 PTR A 186 12.23 -5.12 18.39
CZ PTR A 186 13.42 -4.90 19.09
OH PTR A 186 14.64 -5.26 18.58
P PTR A 186 15.08 -5.74 17.10
O1P PTR A 186 14.59 -7.14 17.05
O2P PTR A 186 16.53 -5.54 17.22
O3P PTR A 186 14.36 -4.82 16.17
N ARG A 187 10.16 -6.92 21.76
CA ARG A 187 11.02 -7.87 22.46
C ARG A 187 12.26 -8.19 21.66
N LYS A 188 13.42 -7.86 22.20
CA LYS A 188 14.67 -8.15 21.51
C LYS A 188 15.20 -9.43 22.10
N GLY A 189 15.46 -10.42 21.24
CA GLY A 189 15.97 -11.69 21.72
C GLY A 189 17.47 -11.90 21.60
N GLY A 190 18.06 -11.47 20.49
CA GLY A 190 19.48 -11.64 20.30
C GLY A 190 20.29 -10.59 21.01
N LYS A 191 21.61 -10.66 20.86
CA LYS A 191 22.51 -9.72 21.49
C LYS A 191 22.40 -8.38 20.76
N GLY A 192 22.91 -7.32 21.38
CA GLY A 192 22.87 -6.00 20.78
C GLY A 192 23.35 -4.95 21.75
N LEU A 193 23.72 -3.78 21.23
CA LEU A 193 24.19 -2.69 22.07
C LEU A 193 23.01 -2.00 22.72
N LEU A 194 22.92 -2.12 24.05
CA LEU A 194 21.83 -1.51 24.78
C LEU A 194 22.31 -0.49 25.81
N PRO A 195 21.53 0.57 26.02
CA PRO A 195 21.82 1.66 26.98
C PRO A 195 21.41 1.23 28.39
N VAL A 196 22.09 0.19 28.86
CA VAL A 196 21.87 -0.42 30.18
C VAL A 196 21.58 0.50 31.37
N ARG A 197 22.39 1.54 31.55
CA ARG A 197 22.20 2.43 32.69
C ARG A 197 20.86 3.15 32.69
N TRP A 198 20.17 3.15 31.55
CA TRP A 198 18.87 3.82 31.43
C TRP A 198 17.74 2.84 31.29
N MET A 199 18.07 1.55 31.28
CA MET A 199 17.07 0.51 31.09
C MET A 199 16.32 0.07 32.33
N ALA A 200 15.04 -0.25 32.13
CA ALA A 200 14.21 -0.73 33.21
C ALA A 200 14.60 -2.18 33.50
N PRO A 201 14.22 -2.68 34.68
CA PRO A 201 14.55 -4.07 35.05
C PRO A 201 14.02 -5.12 34.08
N GLU A 202 12.73 -5.06 33.77
CA GLU A 202 12.15 -6.04 32.84
C GLU A 202 12.82 -6.03 31.48
N SER A 203 13.39 -4.91 31.07
CA SER A 203 14.06 -4.85 29.79
C SER A 203 15.41 -5.54 29.88
N LEU A 204 16.10 -5.36 31.00
CA LEU A 204 17.40 -6.00 31.19
C LEU A 204 17.23 -7.52 31.30
N LYS A 205 16.16 -7.92 31.97
CA LYS A 205 15.87 -9.32 32.19
C LYS A 205 15.28 -10.03 30.97
N ASP A 206 14.17 -9.51 30.46
CA ASP A 206 13.50 -10.15 29.34
C ASP A 206 13.67 -9.51 27.96
N GLY A 207 14.30 -8.35 27.89
CA GLY A 207 14.49 -7.69 26.62
C GLY A 207 13.17 -7.13 26.10
N VAL A 208 12.26 -6.84 27.01
CA VAL A 208 10.96 -6.29 26.65
C VAL A 208 10.92 -4.78 26.88
N PHE A 209 10.51 -4.03 25.85
CA PHE A 209 10.43 -2.58 25.95
C PHE A 209 9.01 -2.10 25.72
N THR A 210 8.58 -1.15 26.53
CA THR A 210 7.23 -0.62 26.45
C THR A 210 7.28 0.86 26.78
N THR A 211 6.14 1.51 26.76
CA THR A 211 6.16 2.90 27.10
C THR A 211 6.59 2.99 28.57
N SER A 212 6.33 1.92 29.33
CA SER A 212 6.73 1.89 30.75
C SER A 212 8.24 1.85 30.93
N SER A 213 8.94 1.12 30.07
CA SER A 213 10.39 1.10 30.18
C SER A 213 10.92 2.48 29.77
N ASP A 214 10.26 3.15 28.82
CA ASP A 214 10.67 4.51 28.43
C ASP A 214 10.51 5.44 29.64
N MET A 215 9.47 5.21 30.43
CA MET A 215 9.21 6.01 31.61
C MET A 215 10.32 5.88 32.64
N TRP A 216 10.88 4.67 32.74
CA TRP A 216 11.97 4.43 33.65
C TRP A 216 13.14 5.27 33.18
N SER A 217 13.40 5.23 31.87
CA SER A 217 14.48 6.03 31.30
C SER A 217 14.25 7.51 31.59
N PHE A 218 13.00 7.93 31.53
CA PHE A 218 12.63 9.31 31.81
C PHE A 218 13.05 9.69 33.24
N GLY A 219 12.81 8.78 34.17
CA GLY A 219 13.19 9.03 35.53
C GLY A 219 14.69 9.26 35.60
N VAL A 220 15.43 8.49 34.82
CA VAL A 220 16.88 8.59 34.80
C VAL A 220 17.31 9.91 34.21
N VAL A 221 16.53 10.42 33.25
CA VAL A 221 16.88 11.69 32.66
C VAL A 221 16.70 12.80 33.69
N LEU A 222 15.62 12.71 34.47
CA LEU A 222 15.34 13.69 35.51
C LEU A 222 16.55 13.74 36.44
N TRP A 223 17.04 12.57 36.78
CA TRP A 223 18.19 12.45 37.65
C TRP A 223 19.37 13.11 36.93
N GLU A 224 19.49 12.87 35.63
CA GLU A 224 20.57 13.47 34.88
C GLU A 224 20.48 14.97 35.03
N ILE A 225 19.28 15.50 34.84
CA ILE A 225 19.06 16.92 34.95
C ILE A 225 19.44 17.48 36.32
N THR A 226 18.92 16.88 37.38
CA THR A 226 19.19 17.34 38.73
C THR A 226 20.59 17.03 39.26
N SER A 227 21.41 16.36 38.47
CA SER A 227 22.77 16.05 38.91
C SER A 227 23.73 16.64 37.91
N LEU A 228 23.17 17.40 36.97
CA LEU A 228 23.92 18.03 35.91
C LEU A 228 24.73 17.03 35.09
N ALA A 229 24.01 16.05 34.55
CA ALA A 229 24.58 15.03 33.70
C ALA A 229 25.71 14.24 34.36
N GLU A 230 25.51 13.89 35.61
CA GLU A 230 26.52 13.09 36.27
C GLU A 230 26.34 11.71 35.65
N GLN A 231 27.39 10.89 35.62
CA GLN A 231 27.23 9.56 35.04
C GLN A 231 26.45 8.65 36.00
N PRO A 232 25.31 8.12 35.53
CA PRO A 232 24.51 7.24 36.39
C PRO A 232 25.27 6.00 36.83
N TYR A 233 24.92 5.52 38.03
CA TYR A 233 25.54 4.34 38.63
C TYR A 233 27.06 4.44 38.57
N GLN A 234 27.57 5.65 38.78
CA GLN A 234 29.01 5.88 38.79
C GLN A 234 29.68 4.87 39.71
N GLY A 235 30.76 4.27 39.23
CA GLY A 235 31.46 3.27 40.04
C GLY A 235 31.18 1.87 39.54
N LEU A 236 29.92 1.46 39.58
CA LEU A 236 29.53 0.13 39.12
C LEU A 236 29.88 -0.08 37.66
N SER A 237 30.07 -1.34 37.27
CA SER A 237 30.37 -1.66 35.88
C SER A 237 29.06 -2.17 35.33
N ASN A 238 28.93 -2.12 34.01
CA ASN A 238 27.70 -2.55 33.35
C ASN A 238 27.09 -3.80 33.97
N GLU A 239 27.88 -4.85 34.12
CA GLU A 239 27.36 -6.09 34.69
C GLU A 239 26.85 -5.88 36.09
N GLN A 240 27.50 -5.00 36.85
CA GLN A 240 27.09 -4.71 38.21
C GLN A 240 25.75 -3.98 38.18
N VAL A 241 25.65 -3.02 37.26
CA VAL A 241 24.45 -2.22 37.07
C VAL A 241 23.29 -3.16 36.76
N LEU A 242 23.56 -4.06 35.82
CA LEU A 242 22.60 -5.06 35.37
C LEU A 242 21.98 -5.73 36.59
N LYS A 243 22.85 -6.36 37.38
CA LYS A 243 22.46 -7.08 38.59
C LYS A 243 21.77 -6.14 39.58
N PHE A 244 22.45 -5.05 39.90
CA PHE A 244 21.93 -4.05 40.84
C PHE A 244 20.47 -3.72 40.55
N VAL A 245 20.21 -3.23 39.34
CA VAL A 245 18.87 -2.84 38.95
C VAL A 245 17.91 -4.03 38.89
N MET A 246 18.36 -5.12 38.27
CA MET A 246 17.50 -6.30 38.20
C MET A 246 17.06 -6.80 39.57
N ASP A 247 17.85 -6.49 40.60
CA ASP A 247 17.52 -6.93 41.95
C ASP A 247 16.76 -5.91 42.81
N GLY A 248 16.20 -4.89 42.16
CA GLY A 248 15.41 -3.90 42.88
C GLY A 248 16.12 -2.58 43.17
N GLY A 249 17.38 -2.47 42.77
CA GLY A 249 18.12 -1.24 43.01
C GLY A 249 17.74 -0.06 42.12
N TYR A 250 18.23 1.11 42.49
CA TYR A 250 17.97 2.33 41.73
C TYR A 250 18.82 3.49 42.28
N LEU A 251 19.06 4.49 41.43
CA LEU A 251 19.87 5.65 41.77
C LEU A 251 19.45 6.43 43.01
N ASP A 252 20.41 7.14 43.60
CA ASP A 252 20.17 7.95 44.79
C ASP A 252 19.72 9.32 44.33
N GLN A 253 19.14 10.09 45.24
CA GLN A 253 18.70 11.44 44.92
C GLN A 253 19.94 12.31 44.88
N PRO A 254 20.08 13.15 43.82
CA PRO A 254 21.24 14.02 43.72
C PRO A 254 21.20 15.08 44.81
N ASP A 255 22.27 15.85 44.94
CA ASP A 255 22.29 16.88 45.96
C ASP A 255 21.27 18.00 45.76
N ASN A 256 20.56 18.32 46.84
CA ASN A 256 19.56 19.38 46.84
C ASN A 256 18.42 19.16 45.86
N CYS A 257 18.31 17.94 45.33
CA CYS A 257 17.27 17.66 44.38
C CYS A 257 15.90 18.04 44.92
N PRO A 258 15.17 18.90 44.19
CA PRO A 258 13.84 19.30 44.67
C PRO A 258 13.02 18.04 44.93
N GLU A 259 12.32 18.00 46.05
CA GLU A 259 11.52 16.83 46.43
C GLU A 259 10.43 16.51 45.43
N ARG A 260 9.89 17.55 44.80
CA ARG A 260 8.81 17.32 43.85
C ARG A 260 9.35 16.46 42.71
N VAL A 261 10.57 16.72 42.28
CA VAL A 261 11.20 15.96 41.22
C VAL A 261 11.56 14.60 41.78
N THR A 262 11.93 14.57 43.05
CA THR A 262 12.27 13.32 43.69
C THR A 262 11.04 12.41 43.64
N ASP A 263 9.86 13.01 43.72
CA ASP A 263 8.63 12.23 43.68
C ASP A 263 8.46 11.58 42.31
N LEU A 264 8.69 12.35 41.25
CA LEU A 264 8.58 11.82 39.89
C LEU A 264 9.51 10.64 39.70
N MET A 265 10.77 10.82 40.04
CA MET A 265 11.74 9.74 39.92
C MET A 265 11.25 8.48 40.61
N ARG A 266 10.70 8.64 41.81
CA ARG A 266 10.20 7.50 42.56
C ARG A 266 9.08 6.81 41.78
N MET A 267 8.20 7.58 41.17
CA MET A 267 7.13 6.97 40.41
C MET A 267 7.69 6.29 39.16
N CYS A 268 8.75 6.85 38.60
CA CYS A 268 9.39 6.31 37.41
C CYS A 268 10.13 5.02 37.67
N TRP A 269 10.59 4.83 38.90
CA TRP A 269 11.34 3.63 39.19
C TRP A 269 10.61 2.52 39.96
N GLN A 270 9.28 2.50 39.87
CA GLN A 270 8.53 1.45 40.53
C GLN A 270 9.00 0.18 39.83
N PHE A 271 9.20 -0.89 40.58
CA PHE A 271 9.68 -2.11 39.97
C PHE A 271 8.70 -2.72 38.97
N ASN A 272 7.42 -2.63 39.28
CA ASN A 272 6.42 -3.19 38.38
C ASN A 272 6.04 -2.12 37.37
N PRO A 273 6.31 -2.38 36.08
CA PRO A 273 6.01 -1.43 35.02
C PRO A 273 4.61 -0.81 35.05
N ASN A 274 3.62 -1.57 35.54
CA ASN A 274 2.25 -1.04 35.56
C ASN A 274 2.04 -0.10 36.75
N MET A 275 3.07 0.03 37.57
CA MET A 275 3.01 0.91 38.72
C MET A 275 3.52 2.32 38.35
N ARG A 276 4.31 2.40 37.27
CA ARG A 276 4.85 3.67 36.81
C ARG A 276 3.78 4.50 36.12
N PRO A 277 3.97 5.83 36.10
CA PRO A 277 3.02 6.74 35.47
C PRO A 277 3.18 6.81 33.94
N THR A 278 2.23 7.43 33.27
CA THR A 278 2.28 7.58 31.83
C THR A 278 2.75 8.99 31.54
N PHE A 279 3.31 9.20 30.36
CA PHE A 279 3.79 10.49 29.97
C PHE A 279 2.69 11.53 30.01
N LEU A 280 1.49 11.16 29.60
CA LEU A 280 0.38 12.10 29.64
C LEU A 280 0.17 12.49 31.10
N GLU A 281 0.18 11.51 32.00
CA GLU A 281 0.01 11.80 33.41
C GLU A 281 1.08 12.75 33.91
N ILE A 282 2.30 12.58 33.42
CA ILE A 282 3.37 13.45 33.87
C ILE A 282 3.10 14.88 33.47
N VAL A 283 2.70 15.08 32.22
CA VAL A 283 2.41 16.42 31.77
C VAL A 283 1.25 16.96 32.58
N ASN A 284 0.19 16.16 32.74
CA ASN A 284 -0.98 16.60 33.51
C ASN A 284 -0.60 17.09 34.90
N LEU A 285 0.40 16.44 35.49
CA LEU A 285 0.88 16.81 36.82
C LEU A 285 1.67 18.12 36.81
N LEU A 286 2.10 18.58 35.63
CA LEU A 286 2.89 19.80 35.54
C LEU A 286 2.27 20.92 34.71
N LYS A 287 1.15 20.62 34.06
CA LYS A 287 0.48 21.59 33.19
C LYS A 287 0.30 23.00 33.74
N ASP A 288 0.03 23.13 35.04
CA ASP A 288 -0.19 24.44 35.62
C ASP A 288 1.05 25.33 35.74
N ASP A 289 2.15 24.75 36.23
CA ASP A 289 3.38 25.52 36.41
C ASP A 289 4.28 25.55 35.19
N LEU A 290 3.71 25.85 34.02
CA LEU A 290 4.51 25.91 32.80
C LEU A 290 4.37 27.23 32.05
N HIS A 291 5.36 27.50 31.21
CA HIS A 291 5.37 28.71 30.41
C HIS A 291 4.02 28.83 29.66
N PRO A 292 3.46 30.04 29.60
CA PRO A 292 2.18 30.30 28.92
C PRO A 292 2.03 29.78 27.50
N SER A 293 3.13 29.69 26.79
CA SER A 293 3.12 29.21 25.41
C SER A 293 2.89 27.70 25.30
N PHE A 294 3.21 26.97 26.36
CA PHE A 294 3.06 25.53 26.35
C PHE A 294 1.78 24.99 25.72
N PRO A 295 0.62 25.48 26.16
CA PRO A 295 -0.68 25.05 25.64
C PRO A 295 -0.83 25.25 24.13
N GLU A 296 -0.08 26.20 23.58
CA GLU A 296 -0.15 26.49 22.15
C GLU A 296 0.66 25.51 21.31
N VAL A 297 1.62 24.83 21.94
CA VAL A 297 2.50 23.91 21.22
C VAL A 297 2.47 22.45 21.64
N SER A 298 2.18 22.20 22.91
CA SER A 298 2.16 20.83 23.42
C SER A 298 1.27 19.87 22.67
N PHE A 299 1.59 18.58 22.74
CA PHE A 299 0.77 17.57 22.11
C PHE A 299 -0.41 17.41 23.05
N PHE A 300 -0.09 17.51 24.33
CA PHE A 300 -1.07 17.37 25.40
C PHE A 300 -2.33 18.21 25.21
N HIS A 301 -2.15 19.51 24.96
CA HIS A 301 -3.30 20.39 24.77
C HIS A 301 -3.78 20.42 23.34
N SER A 302 -3.29 19.48 22.54
CA SER A 302 -3.64 19.39 21.12
C SER A 302 -4.98 18.69 20.87
N GLU A 303 -5.58 18.93 19.70
CA GLU A 303 -6.84 18.29 19.35
C GLU A 303 -6.53 16.82 19.09
N GLU A 304 -5.30 16.55 18.67
CA GLU A 304 -4.87 15.18 18.38
C GLU A 304 -4.96 14.32 19.63
N ASN A 305 -4.77 14.92 20.80
CA ASN A 305 -4.85 14.17 22.04
C ASN A 305 -6.32 13.93 22.45
N LYS A 306 -6.97 13.01 21.75
CA LYS A 306 -8.38 12.67 21.99
C LYS A 306 -8.55 11.37 22.79
N ASP B 10 -0.43 8.24 -10.04
CA ASP B 10 0.15 9.61 -9.87
C ASP B 10 1.48 9.76 -10.58
N GLU B 11 2.25 8.66 -10.66
CA GLU B 11 3.50 8.68 -11.41
C GLU B 11 3.10 8.90 -12.88
N TRP B 12 1.79 8.83 -13.14
CA TRP B 12 1.22 9.00 -14.48
C TRP B 12 0.69 10.42 -14.71
N GLU B 13 0.69 11.22 -13.64
CA GLU B 13 0.22 12.60 -13.72
C GLU B 13 1.01 13.41 -14.73
N VAL B 14 0.32 14.27 -15.45
CA VAL B 14 0.96 15.13 -16.43
C VAL B 14 0.39 16.54 -16.32
N SER B 15 1.26 17.53 -16.43
CA SER B 15 0.86 18.94 -16.34
C SER B 15 -0.13 19.28 -17.46
N ARG B 16 -1.27 19.85 -17.09
CA ARG B 16 -2.29 20.21 -18.07
C ARG B 16 -1.75 21.18 -19.12
N GLU B 17 -0.58 21.73 -18.85
CA GLU B 17 0.06 22.69 -19.77
C GLU B 17 0.77 21.95 -20.91
N LYS B 18 1.21 20.72 -20.63
CA LYS B 18 1.89 19.92 -21.64
C LYS B 18 0.89 19.39 -22.66
N ILE B 19 -0.40 19.62 -22.40
CA ILE B 19 -1.44 19.14 -23.30
C ILE B 19 -2.13 20.24 -24.10
N THR B 20 -2.39 19.93 -25.37
CA THR B 20 -3.04 20.85 -26.28
C THR B 20 -4.02 20.08 -27.17
N LEU B 21 -5.29 20.46 -27.13
CA LEU B 21 -6.30 19.80 -27.94
C LEU B 21 -6.34 20.39 -29.34
N LEU B 22 -6.29 19.51 -30.35
CA LEU B 22 -6.33 19.93 -31.75
C LEU B 22 -7.75 19.97 -32.30
N ARG B 23 -8.38 18.81 -32.38
CA ARG B 23 -9.74 18.71 -32.89
C ARG B 23 -10.52 17.71 -32.05
N GLU B 24 -11.74 17.45 -32.48
CA GLU B 24 -12.58 16.48 -31.80
C GLU B 24 -12.55 15.23 -32.66
N LEU B 25 -12.27 14.09 -32.05
CA LEU B 25 -12.21 12.85 -32.80
C LEU B 25 -13.57 12.17 -32.87
N GLY B 26 -14.28 12.21 -31.76
CA GLY B 26 -15.57 11.58 -31.71
C GLY B 26 -16.20 11.70 -30.34
N GLN B 27 -17.51 11.56 -30.33
CA GLN B 27 -18.27 11.66 -29.11
C GLN B 27 -18.38 10.30 -28.44
N GLY B 28 -18.17 10.27 -27.13
CA GLY B 28 -18.28 9.04 -26.37
C GLY B 28 -19.61 9.13 -25.65
N SER B 29 -20.05 8.03 -25.08
CA SER B 29 -21.33 8.00 -24.37
C SER B 29 -21.49 9.06 -23.28
N PHE B 30 -20.39 9.41 -22.62
CA PHE B 30 -20.47 10.40 -21.55
C PHE B 30 -19.24 11.27 -21.51
N GLY B 31 -18.62 11.44 -22.66
CA GLY B 31 -17.43 12.26 -22.74
C GLY B 31 -17.13 12.52 -24.19
N MET B 32 -16.09 13.30 -24.45
CA MET B 32 -15.71 13.62 -25.81
C MET B 32 -14.26 13.21 -25.96
N VAL B 33 -13.92 12.65 -27.10
CA VAL B 33 -12.55 12.22 -27.37
C VAL B 33 -11.93 13.21 -28.36
N TYR B 34 -10.82 13.79 -27.95
CA TYR B 34 -10.15 14.77 -28.78
C TYR B 34 -8.79 14.28 -29.23
N GLU B 35 -8.29 14.87 -30.31
CA GLU B 35 -6.95 14.55 -30.77
C GLU B 35 -6.16 15.76 -30.27
N GLY B 36 -4.88 15.58 -30.00
CA GLY B 36 -4.10 16.69 -29.52
C GLY B 36 -2.63 16.37 -29.48
N ASN B 37 -1.86 17.26 -28.87
CA ASN B 37 -0.43 17.04 -28.76
C ASN B 37 -0.03 17.01 -27.30
N ALA B 38 1.06 16.31 -27.01
CA ALA B 38 1.56 16.21 -25.66
C ALA B 38 3.05 16.41 -25.67
N ARG B 39 3.51 17.40 -24.92
CA ARG B 39 4.94 17.72 -24.84
C ARG B 39 5.62 16.86 -23.78
N ASP B 40 6.70 16.20 -24.18
CA ASP B 40 7.49 15.33 -23.33
C ASP B 40 6.68 14.35 -22.48
N ILE B 41 5.79 13.61 -23.15
CA ILE B 41 5.01 12.60 -22.44
C ILE B 41 5.73 11.27 -22.59
N ILE B 42 6.56 11.17 -23.63
CA ILE B 42 7.35 9.97 -23.90
C ILE B 42 8.79 10.40 -23.99
N LYS B 43 9.62 9.94 -23.06
CA LYS B 43 11.04 10.28 -23.07
C LYS B 43 11.61 10.02 -24.46
N GLY B 44 12.24 11.05 -25.04
CA GLY B 44 12.81 10.90 -26.37
C GLY B 44 11.99 11.62 -27.42
N GLU B 45 10.82 12.11 -27.01
CA GLU B 45 9.91 12.83 -27.92
C GLU B 45 9.54 14.20 -27.40
N ALA B 46 9.70 15.22 -28.26
CA ALA B 46 9.37 16.59 -27.91
C ALA B 46 7.86 16.67 -27.71
N GLU B 47 7.13 16.41 -28.80
CA GLU B 47 5.68 16.42 -28.80
C GLU B 47 5.18 15.11 -29.42
N THR B 48 4.11 14.55 -28.87
CA THR B 48 3.55 13.30 -29.38
C THR B 48 2.06 13.49 -29.65
N ARG B 49 1.61 13.10 -30.84
CA ARG B 49 0.18 13.23 -31.14
C ARG B 49 -0.54 12.16 -30.34
N VAL B 50 -1.59 12.56 -29.64
CA VAL B 50 -2.32 11.61 -28.82
C VAL B 50 -3.82 11.80 -28.90
N ALA B 51 -4.53 10.91 -28.20
CA ALA B 51 -5.98 10.97 -28.12
C ALA B 51 -6.21 11.39 -26.67
N VAL B 52 -7.27 12.14 -26.41
CA VAL B 52 -7.55 12.58 -25.06
C VAL B 52 -9.01 12.39 -24.71
N LYS B 53 -9.28 11.54 -23.71
CA LYS B 53 -10.65 11.27 -23.29
C LYS B 53 -11.03 12.22 -22.16
N THR B 54 -12.30 12.63 -22.17
CA THR B 54 -12.82 13.52 -21.15
C THR B 54 -14.23 13.10 -20.74
N VAL B 55 -14.72 13.73 -19.67
CA VAL B 55 -16.07 13.46 -19.17
C VAL B 55 -16.88 14.74 -19.21
N ASN B 56 -18.14 14.66 -19.65
CA ASN B 56 -18.97 15.84 -19.69
C ASN B 56 -19.30 16.26 -18.26
N GLU B 57 -19.45 17.56 -18.02
CA GLU B 57 -19.75 18.04 -16.68
C GLU B 57 -21.00 17.34 -16.13
N SER B 58 -21.97 17.13 -17.01
CA SER B 58 -23.22 16.49 -16.62
C SER B 58 -23.11 14.99 -16.41
N ALA B 59 -21.89 14.45 -16.48
CA ALA B 59 -21.70 13.02 -16.31
C ALA B 59 -21.94 12.59 -14.86
N SER B 60 -22.61 11.47 -14.69
CA SER B 60 -22.92 10.96 -13.35
C SER B 60 -21.68 10.36 -12.68
N LEU B 61 -21.73 10.25 -11.35
CA LEU B 61 -20.59 9.70 -10.64
C LEU B 61 -20.31 8.25 -11.05
N ARG B 62 -21.37 7.47 -11.31
CA ARG B 62 -21.19 6.08 -11.74
C ARG B 62 -20.39 6.03 -13.04
N GLU B 63 -20.57 7.06 -13.87
CA GLU B 63 -19.86 7.16 -15.13
C GLU B 63 -18.44 7.69 -14.89
N ARG B 64 -18.28 8.54 -13.88
CA ARG B 64 -16.97 9.11 -13.55
C ARG B 64 -16.08 7.97 -13.04
N ILE B 65 -16.66 7.12 -12.21
CA ILE B 65 -15.94 6.00 -11.64
C ILE B 65 -15.49 5.05 -12.75
N GLU B 66 -16.38 4.79 -13.71
CA GLU B 66 -16.05 3.90 -14.82
C GLU B 66 -14.89 4.50 -15.61
N PHE B 67 -15.00 5.81 -15.88
CA PHE B 67 -13.99 6.55 -16.62
C PHE B 67 -12.63 6.41 -15.91
N LEU B 68 -12.65 6.57 -14.59
CA LEU B 68 -11.44 6.46 -13.79
C LEU B 68 -10.96 5.01 -13.71
N ASN B 69 -11.88 4.07 -13.91
CA ASN B 69 -11.53 2.64 -13.89
C ASN B 69 -10.68 2.31 -15.09
N GLU B 70 -11.15 2.73 -16.27
CA GLU B 70 -10.43 2.44 -17.50
C GLU B 70 -8.99 2.91 -17.39
N ALA B 71 -8.81 4.14 -16.92
CA ALA B 71 -7.48 4.70 -16.78
C ALA B 71 -6.68 3.84 -15.83
N SER B 72 -7.27 3.59 -14.67
CA SER B 72 -6.63 2.77 -13.64
C SER B 72 -6.07 1.46 -14.18
N VAL B 73 -6.92 0.66 -14.82
CA VAL B 73 -6.48 -0.63 -15.34
C VAL B 73 -5.44 -0.55 -16.46
N MET B 74 -5.51 0.48 -17.29
CA MET B 74 -4.52 0.57 -18.37
C MET B 74 -3.12 0.80 -17.83
N LYS B 75 -3.03 1.37 -16.64
CA LYS B 75 -1.74 1.65 -16.03
C LYS B 75 -0.84 0.42 -15.97
N GLY B 76 -1.42 -0.74 -15.72
CA GLY B 76 -0.64 -1.95 -15.62
C GLY B 76 -0.42 -2.70 -16.93
N PHE B 77 -0.83 -2.12 -18.07
CA PHE B 77 -0.66 -2.81 -19.34
C PHE B 77 0.45 -2.31 -20.22
N THR B 78 1.10 -3.25 -20.86
CA THR B 78 2.17 -2.95 -21.78
C THR B 78 2.11 -4.01 -22.86
N CYS B 79 1.26 -3.78 -23.86
CA CYS B 79 1.13 -4.72 -24.95
C CYS B 79 0.92 -3.99 -26.27
N HIS B 80 1.61 -4.47 -27.29
CA HIS B 80 1.54 -3.88 -28.62
C HIS B 80 0.13 -3.96 -29.20
N HIS B 81 -0.69 -4.87 -28.69
CA HIS B 81 -2.03 -5.04 -29.24
C HIS B 81 -3.13 -4.59 -28.28
N VAL B 82 -2.74 -3.68 -27.39
CA VAL B 82 -3.64 -3.07 -26.43
C VAL B 82 -3.36 -1.58 -26.49
N VAL B 83 -4.39 -0.78 -26.76
CA VAL B 83 -4.20 0.66 -26.82
C VAL B 83 -3.47 1.05 -25.53
N ARG B 84 -2.41 1.84 -25.69
CA ARG B 84 -1.60 2.24 -24.56
C ARG B 84 -1.98 3.53 -23.86
N LEU B 85 -1.85 3.49 -22.53
CA LEU B 85 -2.12 4.66 -21.69
C LEU B 85 -0.85 5.51 -21.71
N LEU B 86 -1.00 6.81 -21.90
CA LEU B 86 0.15 7.71 -21.95
C LEU B 86 0.29 8.60 -20.73
N GLY B 87 -0.84 9.03 -20.19
CA GLY B 87 -0.79 9.88 -19.02
C GLY B 87 -2.16 10.34 -18.55
N VAL B 88 -2.17 11.01 -17.40
CA VAL B 88 -3.40 11.51 -16.81
C VAL B 88 -3.24 12.90 -16.21
N VAL B 89 -4.34 13.64 -16.24
CA VAL B 89 -4.37 14.97 -15.67
C VAL B 89 -5.55 14.96 -14.72
N SER B 90 -5.26 14.86 -13.43
CA SER B 90 -6.32 14.82 -12.43
C SER B 90 -6.39 16.14 -11.66
N LYS B 91 -5.28 16.87 -11.63
CA LYS B 91 -5.20 18.15 -10.94
C LYS B 91 -6.20 19.14 -11.53
N GLY B 92 -7.29 19.38 -10.81
CA GLY B 92 -8.31 20.30 -11.27
C GLY B 92 -9.01 19.76 -12.50
N GLN B 93 -10.33 19.95 -12.57
CA GLN B 93 -11.10 19.45 -13.72
C GLN B 93 -10.95 20.39 -14.92
N PRO B 94 -11.30 19.89 -16.13
CA PRO B 94 -11.80 18.53 -16.38
C PRO B 94 -10.66 17.53 -16.36
N THR B 95 -10.96 16.28 -16.02
CA THR B 95 -9.94 15.25 -15.95
C THR B 95 -9.62 14.77 -17.35
N LEU B 96 -8.33 14.54 -17.61
CA LEU B 96 -7.90 14.08 -18.93
C LEU B 96 -7.16 12.76 -18.94
N VAL B 97 -7.60 11.86 -19.81
CA VAL B 97 -6.93 10.58 -19.95
C VAL B 97 -6.25 10.61 -21.31
N VAL B 98 -4.92 10.58 -21.29
CA VAL B 98 -4.14 10.62 -22.51
C VAL B 98 -3.66 9.24 -22.92
N MET B 99 -4.00 8.83 -24.14
CA MET B 99 -3.60 7.52 -24.61
C MET B 99 -3.10 7.61 -26.02
N GLU B 100 -2.62 6.49 -26.53
CA GLU B 100 -2.11 6.55 -27.87
C GLU B 100 -3.21 6.81 -28.86
N LEU B 101 -2.84 7.52 -29.91
CA LEU B 101 -3.78 7.88 -30.94
C LEU B 101 -3.88 6.75 -31.95
N MET B 102 -5.09 6.24 -32.16
CA MET B 102 -5.32 5.19 -33.14
C MET B 102 -5.76 5.91 -34.41
N ALA B 103 -4.76 6.23 -35.24
CA ALA B 103 -4.94 6.97 -36.48
C ALA B 103 -6.13 6.60 -37.36
N HIS B 104 -6.48 5.33 -37.44
CA HIS B 104 -7.62 4.93 -38.27
C HIS B 104 -8.89 4.62 -37.51
N GLY B 105 -9.01 5.19 -36.31
CA GLY B 105 -10.21 4.98 -35.51
C GLY B 105 -10.56 3.54 -35.17
N ASP B 106 -11.84 3.29 -34.95
CA ASP B 106 -12.30 1.96 -34.59
C ASP B 106 -12.46 1.04 -35.78
N LEU B 107 -12.28 -0.24 -35.52
CA LEU B 107 -12.39 -1.26 -36.54
C LEU B 107 -13.77 -1.34 -37.21
N LYS B 108 -14.85 -1.23 -36.44
CA LYS B 108 -16.19 -1.29 -37.00
C LYS B 108 -16.32 -0.27 -38.10
N SER B 109 -16.10 0.98 -37.72
CA SER B 109 -16.17 2.08 -38.63
C SER B 109 -15.25 1.86 -39.83
N TYR B 110 -14.06 1.32 -39.59
CA TYR B 110 -13.14 1.07 -40.70
C TYR B 110 -13.68 -0.02 -41.63
N LEU B 111 -14.23 -1.09 -41.04
CA LEU B 111 -14.80 -2.18 -41.83
C LEU B 111 -15.94 -1.69 -42.73
N ARG B 112 -16.77 -0.79 -42.21
CA ARG B 112 -17.88 -0.26 -42.98
C ARG B 112 -17.40 0.60 -44.15
N SER B 113 -16.27 1.26 -43.96
CA SER B 113 -15.68 2.09 -45.01
C SER B 113 -15.42 1.21 -46.21
N LEU B 114 -15.06 -0.05 -45.96
CA LEU B 114 -14.74 -0.97 -47.03
C LEU B 114 -15.92 -1.51 -47.82
N ARG B 115 -17.13 -1.25 -47.34
CA ARG B 115 -18.31 -1.69 -48.08
C ARG B 115 -18.22 -0.96 -49.41
N PRO B 116 -18.45 -1.67 -50.54
CA PRO B 116 -18.37 -0.99 -51.83
C PRO B 116 -19.26 0.26 -51.92
N GLU B 117 -20.48 0.15 -51.41
CA GLU B 117 -21.43 1.25 -51.42
C GLU B 117 -21.04 2.40 -50.47
N ALA B 118 -20.17 2.11 -49.51
CA ALA B 118 -19.75 3.11 -48.52
C ALA B 118 -19.40 4.48 -49.12
N GLU B 119 -20.13 5.50 -48.67
CA GLU B 119 -19.90 6.85 -49.16
C GLU B 119 -18.47 7.30 -48.84
N ASN B 120 -17.92 6.80 -47.74
CA ASN B 120 -16.58 7.16 -47.30
C ASN B 120 -15.56 6.10 -47.72
N ASN B 121 -15.93 5.26 -48.67
CA ASN B 121 -15.05 4.21 -49.14
C ASN B 121 -13.69 4.82 -49.43
N PRO B 122 -12.63 4.27 -48.82
CA PRO B 122 -11.27 4.79 -49.04
C PRO B 122 -10.89 4.66 -50.51
N GLY B 123 -10.21 3.55 -50.83
CA GLY B 123 -9.80 3.32 -52.21
C GLY B 123 -9.29 1.91 -52.39
N ARG B 124 -9.75 1.00 -51.54
CA ARG B 124 -9.35 -0.40 -51.62
C ARG B 124 -10.54 -1.32 -51.45
N PRO B 125 -10.35 -2.61 -51.76
CA PRO B 125 -11.43 -3.58 -51.63
C PRO B 125 -11.55 -4.08 -50.19
N PRO B 126 -12.49 -5.00 -49.94
CA PRO B 126 -12.64 -5.52 -48.58
C PRO B 126 -11.36 -6.25 -48.15
N PRO B 127 -11.20 -6.46 -46.85
CA PRO B 127 -10.02 -7.14 -46.31
C PRO B 127 -9.79 -8.47 -46.99
N THR B 128 -8.53 -8.89 -47.06
CA THR B 128 -8.14 -10.15 -47.67
C THR B 128 -8.17 -11.22 -46.59
N LEU B 129 -8.32 -12.47 -47.00
CA LEU B 129 -8.30 -13.58 -46.05
C LEU B 129 -7.08 -13.33 -45.18
N GLN B 130 -5.95 -13.03 -45.83
CA GLN B 130 -4.70 -12.78 -45.13
C GLN B 130 -4.84 -11.62 -44.15
N GLU B 131 -5.36 -10.50 -44.64
CA GLU B 131 -5.55 -9.33 -43.80
C GLU B 131 -6.45 -9.64 -42.61
N MET B 132 -7.42 -10.51 -42.81
CA MET B 132 -8.33 -10.88 -41.74
C MET B 132 -7.60 -11.70 -40.69
N ILE B 133 -6.81 -12.66 -41.13
CA ILE B 133 -6.03 -13.50 -40.21
C ILE B 133 -5.13 -12.63 -39.34
N GLN B 134 -4.54 -11.61 -39.95
CA GLN B 134 -3.65 -10.68 -39.25
C GLN B 134 -4.44 -9.99 -38.14
N MET B 135 -5.60 -9.41 -38.50
CA MET B 135 -6.45 -8.74 -37.54
C MET B 135 -6.80 -9.67 -36.40
N ALA B 136 -7.27 -10.87 -36.77
CA ALA B 136 -7.69 -11.87 -35.79
C ALA B 136 -6.58 -12.23 -34.82
N ALA B 137 -5.38 -12.46 -35.33
CA ALA B 137 -4.26 -12.82 -34.49
C ALA B 137 -3.91 -11.65 -33.58
N GLU B 138 -3.90 -10.45 -34.16
CA GLU B 138 -3.58 -9.25 -33.39
C GLU B 138 -4.59 -9.05 -32.25
N ILE B 139 -5.87 -9.24 -32.55
CA ILE B 139 -6.89 -9.08 -31.54
C ILE B 139 -6.75 -10.18 -30.48
N ALA B 140 -6.61 -11.43 -30.94
CA ALA B 140 -6.47 -12.53 -30.00
C ALA B 140 -5.23 -12.37 -29.12
N ASP B 141 -4.15 -11.84 -29.69
CA ASP B 141 -2.93 -11.63 -28.94
C ASP B 141 -3.18 -10.64 -27.82
N GLY B 142 -3.87 -9.54 -28.15
CA GLY B 142 -4.18 -8.53 -27.15
C GLY B 142 -5.03 -9.06 -26.01
N MET B 143 -5.98 -9.92 -26.36
CA MET B 143 -6.88 -10.50 -25.36
C MET B 143 -6.14 -11.48 -24.46
N ALA B 144 -5.22 -12.25 -25.07
CA ALA B 144 -4.42 -13.24 -24.32
C ALA B 144 -3.63 -12.53 -23.23
N TYR B 145 -3.05 -11.39 -23.57
CA TYR B 145 -2.31 -10.63 -22.59
C TYR B 145 -3.30 -10.27 -21.48
N LEU B 146 -4.44 -9.68 -21.84
CA LEU B 146 -5.45 -9.32 -20.83
C LEU B 146 -5.74 -10.49 -19.91
N ASN B 147 -6.05 -11.63 -20.51
CA ASN B 147 -6.34 -12.83 -19.73
C ASN B 147 -5.15 -13.19 -18.84
N ALA B 148 -3.96 -13.15 -19.42
CA ALA B 148 -2.76 -13.49 -18.65
C ALA B 148 -2.65 -12.57 -17.42
N LYS B 149 -3.05 -11.31 -17.57
CA LYS B 149 -2.98 -10.40 -16.44
C LYS B 149 -4.19 -10.52 -15.53
N LYS B 150 -5.01 -11.53 -15.81
CA LYS B 150 -6.20 -11.81 -15.01
C LYS B 150 -7.29 -10.73 -15.05
N PHE B 151 -7.61 -10.33 -16.26
CA PHE B 151 -8.65 -9.36 -16.49
C PHE B 151 -9.60 -9.94 -17.55
N VAL B 152 -10.89 -9.67 -17.40
CA VAL B 152 -11.88 -10.12 -18.37
C VAL B 152 -12.38 -8.79 -18.97
N HIS B 153 -12.38 -8.69 -20.31
CA HIS B 153 -12.79 -7.47 -21.01
C HIS B 153 -14.28 -7.16 -20.93
N ARG B 154 -15.09 -8.18 -21.13
CA ARG B 154 -16.54 -8.05 -21.05
C ARG B 154 -17.20 -7.27 -22.16
N ASP B 155 -16.43 -6.53 -22.97
CA ASP B 155 -17.05 -5.79 -24.06
C ASP B 155 -16.25 -5.86 -25.36
N LEU B 156 -15.77 -7.05 -25.71
CA LEU B 156 -15.01 -7.18 -26.95
C LEU B 156 -15.97 -7.06 -28.12
N ALA B 157 -15.68 -6.14 -29.03
CA ALA B 157 -16.51 -5.93 -30.20
C ALA B 157 -15.75 -5.05 -31.17
N ALA B 158 -16.12 -5.10 -32.44
CA ALA B 158 -15.43 -4.29 -33.45
C ALA B 158 -15.36 -2.80 -33.11
N ARG B 159 -16.42 -2.26 -32.49
CA ARG B 159 -16.44 -0.84 -32.14
C ARG B 159 -15.35 -0.52 -31.11
N ASN B 160 -14.94 -1.53 -30.33
CA ASN B 160 -13.91 -1.33 -29.32
C ASN B 160 -12.52 -1.76 -29.73
N CYS B 161 -12.38 -2.16 -30.99
CA CYS B 161 -11.08 -2.55 -31.53
C CYS B 161 -10.62 -1.32 -32.27
N MET B 162 -9.35 -0.96 -32.11
CA MET B 162 -8.85 0.23 -32.77
C MET B 162 -7.82 -0.08 -33.84
N VAL B 163 -7.73 0.80 -34.83
CA VAL B 163 -6.82 0.62 -35.94
C VAL B 163 -5.72 1.67 -35.99
N ALA B 164 -4.47 1.22 -35.93
CA ALA B 164 -3.32 2.11 -35.97
C ALA B 164 -3.06 2.65 -37.38
N HIS B 165 -2.18 3.64 -37.46
CA HIS B 165 -1.80 4.28 -38.73
C HIS B 165 -1.31 3.24 -39.73
N ASP B 166 -0.73 2.16 -39.22
CA ASP B 166 -0.22 1.09 -40.08
C ASP B 166 -1.20 -0.07 -40.17
N PHE B 167 -2.40 0.16 -39.65
CA PHE B 167 -3.47 -0.82 -39.68
C PHE B 167 -3.37 -1.97 -38.70
N THR B 168 -2.51 -1.81 -37.69
CA THR B 168 -2.38 -2.84 -36.67
C THR B 168 -3.62 -2.66 -35.81
N VAL B 169 -4.30 -3.77 -35.50
CA VAL B 169 -5.48 -3.66 -34.66
C VAL B 169 -5.12 -3.88 -33.19
N LYS B 170 -5.73 -3.09 -32.31
CA LYS B 170 -5.49 -3.20 -30.88
C LYS B 170 -6.78 -3.15 -30.08
N ILE B 171 -6.76 -3.76 -28.92
CA ILE B 171 -7.91 -3.80 -28.03
C ILE B 171 -8.01 -2.48 -27.29
N GLY B 172 -9.23 -1.94 -27.21
CA GLY B 172 -9.43 -0.68 -26.51
C GLY B 172 -10.68 -0.72 -25.65
N ASP B 173 -11.09 0.45 -25.13
CA ASP B 173 -12.28 0.61 -24.30
C ASP B 173 -12.38 -0.39 -23.15
N PHE B 174 -11.78 -0.03 -22.01
CA PHE B 174 -11.77 -0.87 -20.82
C PHE B 174 -12.78 -0.48 -19.76
N GLY B 175 -13.86 0.19 -20.17
CA GLY B 175 -14.89 0.60 -19.22
C GLY B 175 -15.50 -0.56 -18.44
N MET B 176 -15.83 -1.64 -19.13
CA MET B 176 -16.44 -2.80 -18.48
C MET B 176 -15.45 -3.86 -17.98
N THR B 177 -14.18 -3.64 -18.24
CA THR B 177 -13.15 -4.59 -17.83
C THR B 177 -13.13 -4.83 -16.32
N ARG B 178 -12.87 -6.06 -15.91
CA ARG B 178 -12.83 -6.37 -14.49
C ARG B 178 -11.65 -7.28 -14.13
N ASP B 179 -11.13 -7.06 -12.93
CA ASP B 179 -10.01 -7.85 -12.41
C ASP B 179 -10.62 -9.15 -11.89
N ILE B 180 -10.13 -10.28 -12.36
CA ILE B 180 -10.67 -11.56 -11.89
C ILE B 180 -9.58 -12.43 -11.33
N PTR B 181 -8.58 -11.80 -10.73
CA PTR B 181 -7.46 -12.53 -10.15
C PTR B 181 -7.94 -13.49 -9.07
O PTR B 181 -7.46 -14.62 -8.97
CB PTR B 181 -6.43 -11.59 -9.51
CG PTR B 181 -5.21 -12.32 -9.02
CD1 PTR B 181 -4.06 -12.40 -9.82
CD2 PTR B 181 -5.20 -13.01 -7.80
CE1 PTR B 181 -2.93 -13.12 -9.40
CE2 PTR B 181 -4.09 -13.75 -7.38
CZ PTR B 181 -2.95 -13.80 -8.19
OH PTR B 181 -1.86 -14.55 -7.81
P PTR B 181 -1.46 -15.94 -8.55
O1P PTR B 181 -1.09 -15.55 -9.92
O2P PTR B 181 -2.67 -16.73 -8.38
O3P PTR B 181 -0.34 -16.41 -7.71
N GLU B 182 -8.88 -13.03 -8.26
CA GLU B 182 -9.39 -13.84 -7.16
C GLU B 182 -10.22 -15.08 -7.49
N THR B 183 -11.04 -15.00 -8.53
CA THR B 183 -11.91 -16.11 -8.85
C THR B 183 -11.90 -16.62 -10.28
N ASP B 184 -11.28 -15.90 -11.20
CA ASP B 184 -11.25 -16.32 -12.60
C ASP B 184 -12.57 -15.95 -13.30
N PTR B 185 -13.48 -15.32 -12.56
CA PTR B 185 -14.75 -14.91 -13.16
C PTR B 185 -15.28 -13.68 -12.46
O PTR B 185 -14.86 -13.34 -11.35
CB PTR B 185 -15.81 -16.05 -13.06
CG PTR B 185 -16.40 -16.25 -11.67
CD1 PTR B 185 -17.30 -15.32 -11.12
CD2 PTR B 185 -16.01 -17.33 -10.90
CE1 PTR B 185 -17.78 -15.48 -9.81
CE2 PTR B 185 -16.48 -17.49 -9.59
CZ PTR B 185 -17.36 -16.55 -9.06
OH PTR B 185 -17.77 -16.70 -7.76
P PTR B 185 -19.22 -17.05 -7.17
O1P PTR B 185 -19.97 -15.81 -7.39
O2P PTR B 185 -18.94 -17.36 -5.72
O3P PTR B 185 -19.62 -18.24 -8.00
N PTR B 186 -16.23 -13.01 -13.11
CA PTR B 186 -16.87 -11.83 -12.56
C PTR B 186 -18.38 -12.06 -12.68
O PTR B 186 -18.88 -12.46 -13.74
CB PTR B 186 -16.44 -10.58 -13.34
CG PTR B 186 -17.34 -9.38 -13.17
CD1 PTR B 186 -18.47 -9.22 -14.00
CD2 PTR B 186 -17.09 -8.41 -12.20
CE1 PTR B 186 -19.31 -8.11 -13.86
CE2 PTR B 186 -17.92 -7.30 -12.05
CZ PTR B 186 -19.04 -7.16 -12.88
OH PTR B 186 -19.89 -6.07 -12.77
P PTR B 186 -19.97 -4.83 -11.67
O1P PTR B 186 -20.72 -5.49 -10.56
O2P PTR B 186 -20.74 -3.84 -12.46
O3P PTR B 186 -18.56 -4.43 -11.34
N ARG B 187 -19.12 -11.79 -11.60
CA ARG B 187 -20.56 -12.00 -11.61
C ARG B 187 -21.33 -10.72 -11.33
N LYS B 188 -22.10 -10.27 -12.30
CA LYS B 188 -22.90 -9.07 -12.16
C LYS B 188 -24.30 -9.50 -11.73
N GLY B 189 -24.75 -9.00 -10.58
CA GLY B 189 -26.07 -9.39 -10.10
C GLY B 189 -27.19 -8.42 -10.40
N GLY B 190 -26.92 -7.13 -10.22
CA GLY B 190 -27.92 -6.13 -10.48
C GLY B 190 -28.09 -5.81 -11.95
N LYS B 191 -28.97 -4.87 -12.26
CA LYS B 191 -29.22 -4.46 -13.64
C LYS B 191 -28.03 -3.61 -14.13
N GLY B 192 -27.94 -3.44 -15.43
CA GLY B 192 -26.86 -2.65 -16.00
C GLY B 192 -26.88 -2.73 -17.51
N LEU B 193 -26.21 -1.79 -18.17
CA LEU B 193 -26.15 -1.76 -19.62
C LEU B 193 -25.16 -2.80 -20.14
N LEU B 194 -25.64 -3.83 -20.81
CA LEU B 194 -24.77 -4.87 -21.31
C LEU B 194 -24.86 -5.02 -22.83
N PRO B 195 -23.73 -5.36 -23.48
CA PRO B 195 -23.63 -5.54 -24.94
C PRO B 195 -24.16 -6.92 -25.32
N VAL B 196 -25.44 -7.13 -25.08
CA VAL B 196 -26.09 -8.42 -25.33
C VAL B 196 -25.82 -9.17 -26.63
N ARG B 197 -25.78 -8.47 -27.76
CA ARG B 197 -25.53 -9.17 -29.02
C ARG B 197 -24.13 -9.80 -29.10
N TRP B 198 -23.26 -9.43 -28.17
CA TRP B 198 -21.90 -9.95 -28.14
C TRP B 198 -21.69 -10.88 -26.95
N MET B 199 -22.73 -11.06 -26.15
CA MET B 199 -22.60 -11.87 -24.95
C MET B 199 -22.83 -13.35 -25.10
N ALA B 200 -22.09 -14.11 -24.30
CA ALA B 200 -22.24 -15.56 -24.32
C ALA B 200 -23.52 -15.92 -23.58
N PRO B 201 -24.01 -17.15 -23.80
CA PRO B 201 -25.23 -17.65 -23.16
C PRO B 201 -25.18 -17.56 -21.62
N GLU B 202 -24.16 -18.15 -21.02
CA GLU B 202 -24.01 -18.14 -19.56
C GLU B 202 -23.99 -16.73 -18.99
N SER B 203 -23.49 -15.76 -19.75
CA SER B 203 -23.45 -14.40 -19.26
C SER B 203 -24.85 -13.80 -19.26
N LEU B 204 -25.61 -14.10 -20.30
CA LEU B 204 -26.95 -13.57 -20.40
C LEU B 204 -27.82 -14.21 -19.31
N LYS B 205 -27.61 -15.50 -19.08
CA LYS B 205 -28.39 -16.22 -18.08
C LYS B 205 -27.99 -15.95 -16.64
N ASP B 206 -26.71 -16.14 -16.33
CA ASP B 206 -26.22 -15.97 -14.96
C ASP B 206 -25.45 -14.69 -14.65
N GLY B 207 -25.12 -13.91 -15.66
CA GLY B 207 -24.38 -12.70 -15.42
C GLY B 207 -22.93 -13.01 -15.09
N VAL B 208 -22.44 -14.18 -15.52
CA VAL B 208 -21.06 -14.52 -15.23
C VAL B 208 -20.18 -14.33 -16.48
N PHE B 209 -19.06 -13.65 -16.26
CA PHE B 209 -18.11 -13.34 -17.33
C PHE B 209 -16.77 -14.01 -17.06
N THR B 210 -16.17 -14.58 -18.10
CA THR B 210 -14.89 -15.25 -17.98
C THR B 210 -14.10 -15.03 -19.26
N THR B 211 -12.90 -15.60 -19.34
CA THR B 211 -12.11 -15.46 -20.56
C THR B 211 -12.95 -16.13 -21.63
N SER B 212 -13.71 -17.14 -21.23
CA SER B 212 -14.54 -17.87 -22.16
C SER B 212 -15.67 -17.04 -22.76
N SER B 213 -16.28 -16.17 -21.96
CA SER B 213 -17.33 -15.34 -22.53
C SER B 213 -16.69 -14.33 -23.48
N ASP B 214 -15.47 -13.88 -23.16
CA ASP B 214 -14.76 -12.96 -24.05
C ASP B 214 -14.50 -13.64 -25.40
N MET B 215 -14.22 -14.94 -25.34
CA MET B 215 -13.94 -15.71 -26.55
C MET B 215 -15.18 -15.78 -27.43
N TRP B 216 -16.35 -15.80 -26.80
CA TRP B 216 -17.59 -15.83 -27.54
C TRP B 216 -17.68 -14.49 -28.29
N SER B 217 -17.39 -13.41 -27.58
CA SER B 217 -17.43 -12.08 -28.17
C SER B 217 -16.45 -12.01 -29.33
N PHE B 218 -15.31 -12.68 -29.18
CA PHE B 218 -14.30 -12.71 -30.22
C PHE B 218 -14.88 -13.35 -31.48
N GLY B 219 -15.64 -14.42 -31.29
CA GLY B 219 -16.25 -15.06 -32.44
C GLY B 219 -17.16 -14.07 -33.16
N VAL B 220 -17.84 -13.24 -32.39
CA VAL B 220 -18.76 -12.28 -32.95
C VAL B 220 -18.00 -11.21 -33.70
N VAL B 221 -16.81 -10.88 -33.21
CA VAL B 221 -16.01 -9.87 -33.88
C VAL B 221 -15.57 -10.41 -35.24
N LEU B 222 -15.19 -11.69 -35.28
CA LEU B 222 -14.76 -12.32 -36.52
C LEU B 222 -15.90 -12.20 -37.53
N TRP B 223 -17.11 -12.44 -37.05
CA TRP B 223 -18.30 -12.36 -37.86
C TRP B 223 -18.44 -10.90 -38.32
N GLU B 224 -18.17 -9.97 -37.41
CA GLU B 224 -18.26 -8.57 -37.78
C GLU B 224 -17.29 -8.29 -38.92
N ILE B 225 -16.08 -8.82 -38.79
CA ILE B 225 -15.06 -8.62 -39.81
C ILE B 225 -15.48 -9.20 -41.16
N THR B 226 -15.90 -10.46 -41.17
CA THR B 226 -16.29 -11.10 -42.42
C THR B 226 -17.65 -10.65 -42.97
N SER B 227 -18.32 -9.76 -42.27
CA SER B 227 -19.62 -9.28 -42.74
C SER B 227 -19.52 -7.77 -42.93
N LEU B 228 -18.33 -7.24 -42.74
CA LEU B 228 -18.08 -5.80 -42.84
C LEU B 228 -18.92 -5.01 -41.87
N ALA B 229 -18.86 -5.39 -40.61
CA ALA B 229 -19.59 -4.72 -39.54
C ALA B 229 -21.09 -4.69 -39.74
N GLU B 230 -21.64 -5.80 -40.19
CA GLU B 230 -23.07 -5.90 -40.35
C GLU B 230 -23.58 -5.94 -38.91
N GLN B 231 -24.81 -5.48 -38.69
CA GLN B 231 -25.39 -5.50 -37.35
C GLN B 231 -25.73 -6.93 -36.96
N PRO B 232 -25.11 -7.46 -35.90
CA PRO B 232 -25.42 -8.84 -35.50
C PRO B 232 -26.89 -9.05 -35.14
N TYR B 233 -27.39 -10.26 -35.40
CA TYR B 233 -28.78 -10.63 -35.12
C TYR B 233 -29.73 -9.59 -35.68
N GLN B 234 -29.40 -9.07 -36.86
CA GLN B 234 -30.24 -8.07 -37.51
C GLN B 234 -31.66 -8.59 -37.56
N GLY B 235 -32.61 -7.74 -37.18
CA GLY B 235 -33.99 -8.14 -37.21
C GLY B 235 -34.53 -8.36 -35.80
N LEU B 236 -33.94 -9.32 -35.09
CA LEU B 236 -34.35 -9.63 -33.73
C LEU B 236 -34.19 -8.42 -32.81
N SER B 237 -34.97 -8.41 -31.75
CA SER B 237 -34.92 -7.35 -30.75
C SER B 237 -34.09 -7.92 -29.61
N ASN B 238 -33.50 -7.03 -28.82
CA ASN B 238 -32.68 -7.45 -27.70
C ASN B 238 -33.24 -8.68 -26.99
N GLU B 239 -34.50 -8.58 -26.59
CA GLU B 239 -35.18 -9.65 -25.87
C GLU B 239 -35.19 -10.94 -26.67
N GLN B 240 -35.37 -10.81 -27.97
CA GLN B 240 -35.39 -11.95 -28.86
C GLN B 240 -34.01 -12.57 -28.94
N VAL B 241 -33.00 -11.70 -29.00
CA VAL B 241 -31.63 -12.16 -29.08
C VAL B 241 -31.29 -12.92 -27.81
N LEU B 242 -31.69 -12.34 -26.67
CA LEU B 242 -31.43 -12.96 -25.38
C LEU B 242 -31.93 -14.40 -25.41
N LYS B 243 -33.20 -14.56 -25.74
CA LYS B 243 -33.82 -15.87 -25.79
C LYS B 243 -33.15 -16.74 -26.84
N PHE B 244 -33.01 -16.22 -28.06
CA PHE B 244 -32.41 -17.00 -29.13
C PHE B 244 -31.08 -17.59 -28.72
N VAL B 245 -30.16 -16.74 -28.26
CA VAL B 245 -28.84 -17.23 -27.85
C VAL B 245 -28.92 -18.15 -26.62
N MET B 246 -29.67 -17.74 -25.60
CA MET B 246 -29.79 -18.57 -24.42
C MET B 246 -30.32 -19.96 -24.74
N ASP B 247 -31.04 -20.11 -25.86
CA ASP B 247 -31.58 -21.40 -26.25
C ASP B 247 -30.74 -22.22 -27.21
N GLY B 248 -29.48 -21.81 -27.38
CA GLY B 248 -28.58 -22.54 -28.26
C GLY B 248 -28.33 -21.92 -29.63
N GLY B 249 -28.95 -20.78 -29.89
CA GLY B 249 -28.78 -20.13 -31.18
C GLY B 249 -27.46 -19.40 -31.37
N TYR B 250 -27.18 -19.04 -32.62
CA TYR B 250 -25.98 -18.29 -32.98
C TYR B 250 -26.04 -17.82 -34.43
N LEU B 251 -25.28 -16.77 -34.72
CA LEU B 251 -25.21 -16.15 -36.03
C LEU B 251 -24.92 -17.08 -37.19
N ASP B 252 -25.34 -16.66 -38.38
CA ASP B 252 -25.10 -17.42 -39.60
C ASP B 252 -23.76 -17.00 -40.17
N GLN B 253 -23.21 -17.81 -41.07
CA GLN B 253 -21.95 -17.46 -41.68
C GLN B 253 -22.24 -16.39 -42.71
N PRO B 254 -21.43 -15.31 -42.72
CA PRO B 254 -21.68 -14.27 -43.70
C PRO B 254 -21.32 -14.75 -45.12
N ASP B 255 -21.62 -13.93 -46.11
CA ASP B 255 -21.37 -14.27 -47.50
C ASP B 255 -19.89 -14.52 -47.84
N ASN B 256 -19.62 -15.66 -48.46
CA ASN B 256 -18.27 -16.05 -48.87
C ASN B 256 -17.26 -16.11 -47.75
N CYS B 257 -17.73 -16.15 -46.52
CA CYS B 257 -16.85 -16.21 -45.37
C CYS B 257 -15.87 -17.37 -45.51
N PRO B 258 -14.56 -17.09 -45.44
CA PRO B 258 -13.56 -18.15 -45.56
C PRO B 258 -13.92 -19.24 -44.55
N GLU B 259 -13.88 -20.50 -44.96
CA GLU B 259 -14.26 -21.55 -44.02
C GLU B 259 -13.29 -21.69 -42.86
N ARG B 260 -12.04 -21.28 -43.05
CA ARG B 260 -11.06 -21.35 -41.99
C ARG B 260 -11.55 -20.47 -40.84
N VAL B 261 -12.09 -19.30 -41.19
CA VAL B 261 -12.62 -18.35 -40.22
C VAL B 261 -13.91 -18.93 -39.68
N THR B 262 -14.65 -19.60 -40.54
CA THR B 262 -15.90 -20.19 -40.13
C THR B 262 -15.62 -21.21 -39.03
N ASP B 263 -14.45 -21.84 -39.10
CA ASP B 263 -14.06 -22.85 -38.11
C ASP B 263 -13.85 -22.20 -36.76
N LEU B 264 -13.15 -21.07 -36.77
CA LEU B 264 -12.89 -20.35 -35.53
C LEU B 264 -14.20 -19.94 -34.87
N MET B 265 -15.09 -19.32 -35.64
CA MET B 265 -16.40 -18.91 -35.10
C MET B 265 -17.11 -20.09 -34.44
N ARG B 266 -17.06 -21.26 -35.08
CA ARG B 266 -17.70 -22.45 -34.54
C ARG B 266 -17.09 -22.81 -33.19
N MET B 267 -15.77 -22.71 -33.08
CA MET B 267 -15.10 -23.01 -31.81
C MET B 267 -15.51 -21.99 -30.75
N CYS B 268 -15.68 -20.74 -31.18
CA CYS B 268 -16.04 -19.66 -30.28
C CYS B 268 -17.45 -19.73 -29.77
N TRP B 269 -18.32 -20.35 -30.55
CA TRP B 269 -19.72 -20.42 -30.13
C TRP B 269 -20.18 -21.75 -29.54
N GLN B 270 -19.25 -22.51 -29.01
CA GLN B 270 -19.62 -23.78 -28.37
C GLN B 270 -20.50 -23.35 -27.20
N PHE B 271 -21.58 -24.09 -26.95
CA PHE B 271 -22.49 -23.72 -25.87
C PHE B 271 -21.84 -23.78 -24.51
N ASN B 272 -21.01 -24.80 -24.31
CA ASN B 272 -20.31 -25.02 -23.05
C ASN B 272 -19.03 -24.20 -23.08
N PRO B 273 -18.92 -23.20 -22.19
CA PRO B 273 -17.73 -22.34 -22.14
C PRO B 273 -16.38 -23.09 -22.09
N ASN B 274 -16.35 -24.29 -21.52
CA ASN B 274 -15.11 -25.05 -21.45
C ASN B 274 -14.78 -25.72 -22.78
N MET B 275 -15.71 -25.61 -23.72
CA MET B 275 -15.51 -26.21 -25.03
C MET B 275 -14.84 -25.21 -25.97
N ARG B 276 -14.93 -23.92 -25.64
CA ARG B 276 -14.34 -22.87 -26.45
C ARG B 276 -12.84 -22.83 -26.30
N PRO B 277 -12.13 -22.33 -27.32
CA PRO B 277 -10.67 -22.25 -27.25
C PRO B 277 -10.19 -21.04 -26.43
N THR B 278 -8.90 -21.00 -26.16
CA THR B 278 -8.34 -19.88 -25.43
C THR B 278 -7.66 -18.98 -26.45
N PHE B 279 -7.46 -17.73 -26.06
CA PHE B 279 -6.82 -16.78 -26.95
C PHE B 279 -5.41 -17.22 -27.35
N LEU B 280 -4.66 -17.81 -26.42
CA LEU B 280 -3.33 -18.29 -26.76
C LEU B 280 -3.48 -19.34 -27.85
N GLU B 281 -4.44 -20.24 -27.68
CA GLU B 281 -4.69 -21.28 -28.67
C GLU B 281 -5.02 -20.66 -30.02
N ILE B 282 -5.78 -19.58 -30.02
CA ILE B 282 -6.14 -18.94 -31.29
C ILE B 282 -4.90 -18.45 -32.00
N VAL B 283 -4.04 -17.76 -31.26
CA VAL B 283 -2.81 -17.25 -31.84
C VAL B 283 -1.97 -18.42 -32.34
N ASN B 284 -1.82 -19.44 -31.50
CA ASN B 284 -1.03 -20.61 -31.87
C ASN B 284 -1.51 -21.20 -33.19
N LEU B 285 -2.81 -21.15 -33.43
CA LEU B 285 -3.39 -21.67 -34.66
C LEU B 285 -3.10 -20.80 -35.88
N LEU B 286 -2.65 -19.57 -35.64
CA LEU B 286 -2.39 -18.65 -36.76
C LEU B 286 -0.96 -18.14 -36.84
N LYS B 287 -0.15 -18.48 -35.84
CA LYS B 287 1.23 -18.02 -35.78
C LYS B 287 2.04 -18.12 -37.08
N ASP B 288 1.83 -19.18 -37.85
CA ASP B 288 2.59 -19.36 -39.08
C ASP B 288 2.27 -18.39 -40.21
N ASP B 289 0.99 -18.18 -40.46
CA ASP B 289 0.56 -17.30 -41.54
C ASP B 289 0.39 -15.85 -41.15
N LEU B 290 1.42 -15.29 -40.50
CA LEU B 290 1.36 -13.91 -40.06
C LEU B 290 2.55 -13.09 -40.52
N HIS B 291 2.36 -11.78 -40.51
CA HIS B 291 3.39 -10.84 -40.89
C HIS B 291 4.66 -11.15 -40.08
N PRO B 292 5.83 -11.11 -40.74
CA PRO B 292 7.14 -11.37 -40.14
C PRO B 292 7.44 -10.64 -38.83
N SER B 293 6.89 -9.44 -38.67
CA SER B 293 7.15 -8.68 -37.46
C SER B 293 6.36 -9.15 -36.24
N PHE B 294 5.31 -9.92 -36.48
CA PHE B 294 4.47 -10.40 -35.39
C PHE B 294 5.24 -10.93 -34.19
N PRO B 295 6.19 -11.86 -34.41
CA PRO B 295 6.96 -12.43 -33.30
C PRO B 295 7.78 -11.42 -32.51
N GLU B 296 8.06 -10.27 -33.12
CA GLU B 296 8.84 -9.23 -32.45
C GLU B 296 7.98 -8.37 -31.54
N VAL B 297 6.67 -8.39 -31.74
CA VAL B 297 5.75 -7.57 -30.94
C VAL B 297 4.68 -8.32 -30.14
N SER B 298 4.26 -9.49 -30.61
CA SER B 298 3.21 -10.25 -29.93
C SER B 298 3.51 -10.58 -28.47
N PHE B 299 2.45 -10.77 -27.69
CA PHE B 299 2.61 -11.16 -26.30
C PHE B 299 2.95 -12.63 -26.35
N PHE B 300 2.35 -13.29 -27.33
CA PHE B 300 2.51 -14.71 -27.55
C PHE B 300 3.97 -15.15 -27.58
N HIS B 301 4.75 -14.50 -28.44
CA HIS B 301 6.16 -14.86 -28.56
C HIS B 301 7.03 -14.13 -27.53
N SER B 302 6.41 -13.51 -26.53
CA SER B 302 7.20 -12.79 -25.54
C SER B 302 7.71 -13.67 -24.42
N GLU B 303 8.69 -13.14 -23.68
CA GLU B 303 9.27 -13.85 -22.55
C GLU B 303 8.23 -13.93 -21.46
N GLU B 304 7.37 -12.90 -21.41
CA GLU B 304 6.28 -12.83 -20.44
C GLU B 304 5.38 -14.04 -20.51
N ASN B 305 5.20 -14.57 -21.72
CA ASN B 305 4.33 -15.72 -21.91
C ASN B 305 5.02 -17.00 -21.49
N LYS B 306 5.15 -17.19 -20.17
CA LYS B 306 5.81 -18.38 -19.59
C LYS B 306 4.81 -19.41 -19.05
N LEU C 6 8.94 -19.91 13.91
CA LEU C 6 9.24 -18.45 13.96
C LEU C 6 9.38 -17.87 12.55
N GLU C 7 9.30 -18.73 11.54
CA GLU C 7 9.41 -18.28 10.16
C GLU C 7 8.34 -18.85 9.26
N LEU C 8 7.94 -18.07 8.27
CA LEU C 8 6.91 -18.45 7.31
C LEU C 8 7.03 -19.91 6.89
N SER C 9 8.26 -20.30 6.61
CA SER C 9 8.60 -21.66 6.19
C SER C 9 8.26 -22.71 7.25
N ASP C 10 8.25 -22.30 8.52
CA ASP C 10 7.98 -23.21 9.62
C ASP C 10 6.53 -23.45 9.97
N TYR C 11 5.61 -22.82 9.25
CA TYR C 11 4.21 -23.02 9.54
C TYR C 11 3.56 -24.02 8.61
N PRO C 12 2.65 -24.84 9.17
CA PRO C 12 1.91 -25.87 8.44
C PRO C 12 0.96 -25.33 7.36
N TRP C 13 0.48 -24.11 7.56
CA TRP C 13 -0.44 -23.51 6.59
C TRP C 13 0.24 -22.84 5.42
N PHE C 14 1.57 -22.78 5.45
CA PHE C 14 2.31 -22.18 4.34
C PHE C 14 2.77 -23.26 3.40
N HIS C 15 2.53 -23.09 2.10
CA HIS C 15 2.90 -24.12 1.14
C HIS C 15 3.85 -23.71 0.02
N GLY C 16 4.81 -22.85 0.33
CA GLY C 16 5.78 -22.42 -0.65
C GLY C 16 5.29 -22.19 -2.07
N THR C 17 5.87 -22.91 -3.02
CA THR C 17 5.52 -22.74 -4.44
C THR C 17 4.37 -23.56 -5.02
N LEU C 18 3.44 -23.98 -4.17
CA LEU C 18 2.29 -24.72 -4.66
C LEU C 18 1.55 -23.87 -5.68
N SER C 19 1.28 -24.44 -6.85
CA SER C 19 0.59 -23.77 -7.93
C SER C 19 -0.79 -23.27 -7.49
N ARG C 20 -1.28 -22.17 -8.08
CA ARG C 20 -2.59 -21.67 -7.72
C ARG C 20 -3.62 -22.74 -8.09
N VAL C 21 -3.40 -23.39 -9.22
CA VAL C 21 -4.29 -24.44 -9.66
C VAL C 21 -4.31 -25.59 -8.65
N LYS C 22 -3.14 -26.03 -8.23
CA LYS C 22 -3.04 -27.11 -7.26
C LYS C 22 -3.62 -26.69 -5.91
N ALA C 23 -3.39 -25.44 -5.55
CA ALA C 23 -3.88 -24.91 -4.28
C ALA C 23 -5.41 -24.92 -4.21
N ALA C 24 -6.05 -24.51 -5.31
CA ALA C 24 -7.50 -24.49 -5.35
C ALA C 24 -8.02 -25.91 -5.13
N GLN C 25 -7.39 -26.86 -5.81
CA GLN C 25 -7.78 -28.26 -5.71
C GLN C 25 -7.74 -28.72 -4.27
N LEU C 26 -6.63 -28.39 -3.61
CA LEU C 26 -6.43 -28.78 -2.24
C LEU C 26 -7.51 -28.26 -1.31
N VAL C 27 -7.89 -26.99 -1.46
CA VAL C 27 -8.91 -26.44 -0.56
C VAL C 27 -10.33 -26.82 -0.95
N LEU C 28 -10.52 -27.30 -2.17
CA LEU C 28 -11.87 -27.67 -2.61
C LEU C 28 -12.15 -29.17 -2.49
N ALA C 29 -11.11 -29.97 -2.31
CA ALA C 29 -11.29 -31.40 -2.13
C ALA C 29 -12.01 -31.48 -0.78
N GLY C 30 -13.31 -31.75 -0.82
CA GLY C 30 -14.09 -31.80 0.41
C GLY C 30 -15.30 -30.92 0.22
N GLY C 31 -15.34 -30.26 -0.94
CA GLY C 31 -16.45 -29.39 -1.29
C GLY C 31 -16.83 -28.41 -0.20
N PRO C 32 -18.11 -28.01 -0.15
CA PRO C 32 -18.57 -27.06 0.86
C PRO C 32 -18.36 -27.54 2.30
N ARG C 33 -17.99 -28.81 2.48
CA ARG C 33 -17.75 -29.34 3.83
C ARG C 33 -16.46 -28.73 4.40
N SER C 34 -15.42 -28.63 3.58
CA SER C 34 -14.17 -28.05 4.05
C SER C 34 -14.15 -26.53 3.87
N HIS C 35 -15.32 -25.93 3.97
CA HIS C 35 -15.49 -24.48 3.89
C HIS C 35 -14.57 -23.88 4.95
N GLY C 36 -13.80 -22.86 4.59
CA GLY C 36 -12.90 -22.25 5.54
C GLY C 36 -11.45 -22.68 5.39
N LEU C 37 -11.23 -23.90 4.92
CA LEU C 37 -9.87 -24.41 4.73
C LEU C 37 -9.07 -23.42 3.86
N PHE C 38 -7.80 -23.25 4.14
CA PHE C 38 -7.00 -22.32 3.36
C PHE C 38 -5.52 -22.70 3.38
N VAL C 39 -4.76 -22.03 2.52
CA VAL C 39 -3.32 -22.20 2.47
C VAL C 39 -2.71 -20.91 1.98
N ILE C 40 -1.45 -20.69 2.32
CA ILE C 40 -0.79 -19.50 1.86
C ILE C 40 0.34 -19.99 0.98
N ARG C 41 0.53 -19.32 -0.14
CA ARG C 41 1.54 -19.71 -1.11
C ARG C 41 2.23 -18.49 -1.69
N GLN C 42 3.31 -18.73 -2.41
CA GLN C 42 4.03 -17.64 -3.05
C GLN C 42 3.27 -17.35 -4.34
N SER C 43 3.05 -16.08 -4.63
CA SER C 43 2.34 -15.74 -5.85
C SER C 43 3.05 -16.27 -7.09
N GLU C 44 2.25 -16.71 -8.06
CA GLU C 44 2.77 -17.20 -9.33
C GLU C 44 3.12 -15.99 -10.18
N THR C 45 2.23 -15.00 -10.16
CA THR C 45 2.43 -13.78 -10.93
C THR C 45 3.32 -12.74 -10.21
N ARG C 46 2.79 -12.06 -9.19
CA ARG C 46 3.60 -11.07 -8.47
C ARG C 46 4.67 -11.73 -7.62
N PRO C 47 5.95 -11.60 -8.03
CA PRO C 47 7.07 -12.19 -7.30
C PRO C 47 7.29 -11.52 -5.95
N GLY C 48 7.70 -12.30 -4.97
CA GLY C 48 7.94 -11.75 -3.65
C GLY C 48 6.68 -11.71 -2.81
N GLU C 49 5.54 -11.57 -3.48
CA GLU C 49 4.27 -11.52 -2.78
C GLU C 49 3.70 -12.91 -2.52
N CYS C 50 2.72 -12.97 -1.64
CA CYS C 50 2.07 -14.22 -1.30
C CYS C 50 0.60 -14.14 -1.63
N VAL C 51 -0.06 -15.29 -1.64
CA VAL C 51 -1.49 -15.35 -1.91
C VAL C 51 -2.15 -16.30 -0.92
N LEU C 52 -3.33 -15.90 -0.47
CA LEU C 52 -4.12 -16.72 0.46
C LEU C 52 -5.21 -17.37 -0.38
N THR C 53 -5.14 -18.68 -0.53
CA THR C 53 -6.14 -19.38 -1.30
C THR C 53 -7.08 -20.07 -0.32
N PHE C 54 -8.38 -19.81 -0.44
CA PHE C 54 -9.31 -20.45 0.49
C PHE C 54 -10.62 -20.94 -0.12
N ASN C 55 -11.29 -21.78 0.66
CA ASN C 55 -12.54 -22.37 0.26
C ASN C 55 -13.70 -21.58 0.82
N PHE C 56 -14.52 -20.99 -0.04
CA PHE C 56 -15.69 -20.32 0.47
C PHE C 56 -16.92 -21.02 -0.09
N GLN C 57 -17.65 -21.72 0.79
CA GLN C 57 -18.86 -22.45 0.40
C GLN C 57 -18.57 -23.33 -0.81
N GLY C 58 -17.43 -24.00 -0.81
CA GLY C 58 -17.11 -24.88 -1.93
C GLY C 58 -16.45 -24.21 -3.10
N LYS C 59 -16.40 -22.87 -3.12
CA LYS C 59 -15.74 -22.19 -4.22
C LYS C 59 -14.36 -21.70 -3.79
N ALA C 60 -13.40 -21.78 -4.69
CA ALA C 60 -12.03 -21.38 -4.40
C ALA C 60 -11.83 -19.88 -4.65
N LYS C 61 -11.18 -19.21 -3.69
CA LYS C 61 -10.91 -17.78 -3.80
C LYS C 61 -9.43 -17.51 -3.54
N HIS C 62 -8.89 -16.51 -4.21
CA HIS C 62 -7.47 -16.16 -4.05
C HIS C 62 -7.29 -14.70 -3.66
N LEU C 63 -6.66 -14.49 -2.51
CA LEU C 63 -6.44 -13.15 -1.99
C LEU C 63 -4.96 -12.78 -2.00
N ARG C 64 -4.62 -11.70 -2.71
CA ARG C 64 -3.23 -11.24 -2.77
C ARG C 64 -2.85 -10.57 -1.46
N LEU C 65 -1.70 -10.93 -0.90
CA LEU C 65 -1.24 -10.36 0.36
C LEU C 65 0.11 -9.67 0.23
N SER C 66 0.42 -8.84 1.23
CA SER C 66 1.72 -8.18 1.28
C SER C 66 2.39 -8.95 2.45
N LEU C 67 3.12 -10.02 2.11
CA LEU C 67 3.75 -10.84 3.13
C LEU C 67 5.22 -11.19 2.89
N ASN C 68 5.76 -12.05 3.75
CA ASN C 68 7.15 -12.52 3.70
C ASN C 68 8.06 -11.54 4.44
N GLY C 71 10.09 -9.56 7.55
CA GLY C 71 10.09 -8.89 8.85
C GLY C 71 8.83 -8.10 9.10
N GLN C 72 8.46 -7.93 10.38
CA GLN C 72 7.26 -7.18 10.76
C GLN C 72 6.00 -7.98 10.42
N CYS C 73 6.18 -9.19 9.91
CA CYS C 73 5.05 -10.03 9.53
C CYS C 73 4.73 -11.11 10.56
N HIS C 74 5.42 -11.08 11.70
CA HIS C 74 5.20 -12.09 12.74
C HIS C 74 3.76 -12.12 13.24
N VAL C 75 3.20 -10.97 13.56
CA VAL C 75 1.83 -10.93 14.07
C VAL C 75 0.84 -11.44 13.04
N GLN C 76 1.12 -11.19 11.76
CA GLN C 76 0.25 -11.67 10.71
C GLN C 76 0.35 -13.19 10.73
N HIS C 77 1.55 -13.71 10.95
CA HIS C 77 1.73 -15.15 11.03
C HIS C 77 0.89 -15.69 12.19
N LEU C 78 0.86 -14.96 13.29
CA LEU C 78 0.08 -15.40 14.43
C LEU C 78 -1.40 -15.46 14.05
N TRP C 79 -1.87 -14.44 13.34
CA TRP C 79 -3.26 -14.41 12.91
C TRP C 79 -3.59 -15.68 12.15
N PHE C 80 -2.80 -15.98 11.12
CA PHE C 80 -3.05 -17.17 10.32
C PHE C 80 -2.94 -18.46 11.12
N GLN C 81 -2.04 -18.49 12.09
CA GLN C 81 -1.86 -19.68 12.91
C GLN C 81 -3.14 -19.92 13.70
N SER C 82 -3.70 -18.85 14.26
CA SER C 82 -4.90 -18.96 15.04
C SER C 82 -6.08 -19.45 14.21
N VAL C 83 -6.15 -19.02 12.94
CA VAL C 83 -7.25 -19.47 12.10
C VAL C 83 -7.03 -20.94 11.84
N PHE C 84 -5.80 -21.29 11.51
CA PHE C 84 -5.43 -22.68 11.28
C PHE C 84 -5.75 -23.50 12.52
N ASP C 85 -5.56 -22.91 13.70
CA ASP C 85 -5.86 -23.62 14.93
C ASP C 85 -7.32 -23.98 15.00
N MET C 86 -8.19 -23.03 14.66
CA MET C 86 -9.63 -23.29 14.70
C MET C 86 -9.97 -24.38 13.70
N LEU C 87 -9.28 -24.36 12.56
CA LEU C 87 -9.51 -25.35 11.52
C LEU C 87 -9.19 -26.75 12.02
N ARG C 88 -7.96 -26.95 12.48
CA ARG C 88 -7.51 -28.25 12.99
C ARG C 88 -8.52 -28.89 13.93
N HIS C 89 -9.43 -28.08 14.49
CA HIS C 89 -10.45 -28.58 15.40
C HIS C 89 -11.75 -28.94 14.68
N PHE C 90 -11.64 -29.53 13.49
CA PHE C 90 -12.81 -29.94 12.69
C PHE C 90 -12.61 -31.31 12.05
N LEU D 6 -23.66 -7.54 2.38
CA LEU D 6 -23.03 -7.11 1.09
C LEU D 6 -21.88 -6.13 1.38
N GLU D 7 -22.14 -5.16 2.25
CA GLU D 7 -21.11 -4.19 2.60
C GLU D 7 -20.60 -4.29 4.03
N LEU D 8 -19.32 -3.97 4.19
CA LEU D 8 -18.60 -4.00 5.46
C LEU D 8 -19.48 -3.77 6.67
N SER D 9 -20.36 -2.78 6.56
CA SER D 9 -21.29 -2.41 7.60
C SER D 9 -22.28 -3.52 7.94
N ASP D 10 -22.54 -4.38 6.96
CA ASP D 10 -23.49 -5.47 7.14
C ASP D 10 -22.97 -6.77 7.75
N TYR D 11 -21.69 -6.81 8.12
CA TYR D 11 -21.12 -8.00 8.73
C TYR D 11 -21.03 -7.89 10.23
N PRO D 12 -21.33 -8.99 10.94
CA PRO D 12 -21.30 -9.05 12.40
C PRO D 12 -19.92 -8.89 13.02
N TRP D 13 -18.88 -9.21 12.25
CA TRP D 13 -17.52 -9.10 12.74
C TRP D 13 -16.92 -7.70 12.57
N PHE D 14 -17.66 -6.80 11.92
CA PHE D 14 -17.20 -5.43 11.73
C PHE D 14 -17.79 -4.55 12.82
N HIS D 15 -16.96 -3.79 13.51
CA HIS D 15 -17.46 -2.95 14.60
C HIS D 15 -17.21 -1.44 14.48
N GLY D 16 -17.33 -0.93 13.26
CA GLY D 16 -17.15 0.50 13.04
C GLY D 16 -16.09 1.21 13.84
N THR D 17 -16.52 2.21 14.62
CA THR D 17 -15.63 3.04 15.42
C THR D 17 -15.23 2.57 16.82
N LEU D 18 -15.35 1.28 17.09
CA LEU D 18 -14.96 0.75 18.39
C LEU D 18 -13.48 1.09 18.65
N SER D 19 -13.20 1.67 19.82
CA SER D 19 -11.83 2.05 20.17
C SER D 19 -10.90 0.84 20.22
N ARG D 20 -9.61 1.05 19.97
CA ARG D 20 -8.66 -0.07 20.00
C ARG D 20 -8.64 -0.60 21.43
N VAL D 21 -8.73 0.31 22.39
CA VAL D 21 -8.72 -0.10 23.79
C VAL D 21 -9.93 -0.97 24.09
N LYS D 22 -11.11 -0.52 23.68
CA LYS D 22 -12.31 -1.32 23.93
C LYS D 22 -12.30 -2.62 23.12
N ALA D 23 -11.73 -2.58 21.92
CA ALA D 23 -11.67 -3.77 21.07
C ALA D 23 -10.81 -4.84 21.73
N ALA D 24 -9.68 -4.45 22.31
CA ALA D 24 -8.82 -5.42 22.96
C ALA D 24 -9.58 -6.08 24.11
N GLN D 25 -10.30 -5.27 24.87
CA GLN D 25 -11.07 -5.79 26.00
C GLN D 25 -12.06 -6.83 25.52
N LEU D 26 -12.74 -6.53 24.44
CA LEU D 26 -13.73 -7.42 23.89
C LEU D 26 -13.15 -8.76 23.51
N VAL D 27 -12.00 -8.78 22.84
CA VAL D 27 -11.41 -10.05 22.43
C VAL D 27 -10.69 -10.77 23.55
N LEU D 28 -10.38 -10.06 24.63
CA LEU D 28 -9.66 -10.71 25.73
C LEU D 28 -10.58 -11.18 26.86
N ALA D 29 -11.81 -10.68 26.89
CA ALA D 29 -12.77 -11.09 27.90
C ALA D 29 -13.00 -12.57 27.56
N GLY D 30 -12.44 -13.46 28.36
CA GLY D 30 -12.55 -14.88 28.11
C GLY D 30 -11.16 -15.47 28.10
N GLY D 31 -10.17 -14.60 28.28
CA GLY D 31 -8.78 -15.02 28.30
C GLY D 31 -8.36 -15.95 27.19
N PRO D 32 -7.38 -16.81 27.43
CA PRO D 32 -6.90 -17.75 26.42
C PRO D 32 -7.98 -18.69 25.89
N ARG D 33 -9.14 -18.72 26.55
CA ARG D 33 -10.24 -19.58 26.12
C ARG D 33 -10.82 -19.06 24.81
N SER D 34 -10.97 -17.74 24.71
CA SER D 34 -11.51 -17.11 23.50
C SER D 34 -10.42 -16.83 22.46
N HIS D 35 -9.36 -17.64 22.52
CA HIS D 35 -8.26 -17.54 21.58
C HIS D 35 -8.86 -17.60 20.17
N GLY D 36 -8.44 -16.69 19.29
CA GLY D 36 -8.95 -16.68 17.94
C GLY D 36 -10.04 -15.66 17.69
N LEU D 37 -10.78 -15.29 18.73
CA LEU D 37 -11.83 -14.30 18.58
C LEU D 37 -11.24 -13.02 17.98
N PHE D 38 -12.00 -12.34 17.13
CA PHE D 38 -11.46 -11.13 16.52
C PHE D 38 -12.57 -10.17 16.12
N VAL D 39 -12.17 -8.95 15.77
CA VAL D 39 -13.12 -7.94 15.29
C VAL D 39 -12.37 -7.03 14.33
N ILE D 40 -13.10 -6.39 13.45
CA ILE D 40 -12.49 -5.47 12.50
C ILE D 40 -13.05 -4.11 12.86
N ARG D 41 -12.20 -3.10 12.89
CA ARG D 41 -12.64 -1.76 13.24
C ARG D 41 -11.94 -0.74 12.36
N GLN D 42 -12.41 0.50 12.42
CA GLN D 42 -11.81 1.57 11.65
C GLN D 42 -10.62 2.03 12.48
N SER D 43 -9.48 2.22 11.83
CA SER D 43 -8.29 2.65 12.56
C SER D 43 -8.51 3.96 13.27
N GLU D 44 -7.94 4.07 14.47
CA GLU D 44 -8.04 5.29 15.24
C GLU D 44 -7.01 6.27 14.69
N THR D 45 -5.82 5.77 14.36
CA THR D 45 -4.75 6.60 13.80
C THR D 45 -4.88 6.81 12.29
N ARG D 46 -4.55 5.81 11.50
CA ARG D 46 -4.64 5.94 10.04
C ARG D 46 -6.11 5.98 9.58
N PRO D 47 -6.58 7.16 9.15
CA PRO D 47 -7.97 7.31 8.70
C PRO D 47 -8.21 6.59 7.38
N GLY D 48 -9.42 6.06 7.23
CA GLY D 48 -9.76 5.33 6.02
C GLY D 48 -9.37 3.87 6.09
N GLU D 49 -8.34 3.58 6.86
CA GLU D 49 -7.87 2.20 7.03
C GLU D 49 -8.63 1.48 8.13
N CYS D 50 -8.50 0.16 8.15
CA CYS D 50 -9.13 -0.63 9.19
C CYS D 50 -8.07 -1.40 9.93
N VAL D 51 -8.48 -1.97 11.07
CA VAL D 51 -7.57 -2.76 11.88
C VAL D 51 -8.26 -4.03 12.31
N LEU D 52 -7.49 -5.12 12.33
CA LEU D 52 -8.00 -6.40 12.76
C LEU D 52 -7.43 -6.63 14.15
N THR D 53 -8.30 -6.65 15.15
CA THR D 53 -7.85 -6.86 16.51
C THR D 53 -8.24 -8.28 16.91
N PHE D 54 -7.26 -9.04 17.38
CA PHE D 54 -7.55 -10.42 17.75
C PHE D 54 -6.86 -10.91 19.00
N ASN D 55 -7.39 -12.02 19.51
CA ASN D 55 -6.89 -12.65 20.71
C ASN D 55 -5.95 -13.79 20.36
N PHE D 56 -4.69 -13.67 20.74
CA PHE D 56 -3.80 -14.79 20.49
C PHE D 56 -3.31 -15.29 21.84
N GLN D 57 -3.76 -16.48 22.21
CA GLN D 57 -3.37 -17.08 23.48
C GLN D 57 -3.60 -16.13 24.63
N GLY D 58 -4.73 -15.43 24.60
CA GLY D 58 -5.03 -14.49 25.68
C GLY D 58 -4.42 -13.11 25.55
N LYS D 59 -3.52 -12.92 24.58
CA LYS D 59 -2.90 -11.61 24.36
C LYS D 59 -3.59 -10.92 23.17
N ALA D 60 -3.82 -9.62 23.29
CA ALA D 60 -4.46 -8.87 22.21
C ALA D 60 -3.44 -8.39 21.17
N LYS D 61 -3.79 -8.56 19.89
CA LYS D 61 -2.94 -8.15 18.76
C LYS D 61 -3.72 -7.27 17.81
N HIS D 62 -3.03 -6.31 17.19
CA HIS D 62 -3.67 -5.39 16.25
C HIS D 62 -2.97 -5.40 14.90
N LEU D 63 -3.72 -5.75 13.86
CA LEU D 63 -3.15 -5.82 12.52
C LEU D 63 -3.74 -4.77 11.61
N ARG D 64 -2.89 -3.91 11.06
CA ARG D 64 -3.37 -2.87 10.15
C ARG D 64 -3.69 -3.48 8.79
N LEU D 65 -4.85 -3.13 8.24
CA LEU D 65 -5.32 -3.66 6.97
C LEU D 65 -5.55 -2.58 5.93
N SER D 66 -5.60 -2.99 4.67
CA SER D 66 -5.90 -2.09 3.56
C SER D 66 -7.33 -2.53 3.23
N LEU D 67 -8.33 -1.92 3.87
CA LEU D 67 -9.73 -2.32 3.64
C LEU D 67 -10.69 -1.17 3.33
N ASN D 68 -11.98 -1.50 3.27
CA ASN D 68 -13.07 -0.55 2.97
C ASN D 68 -13.26 -0.41 1.47
N GLY D 71 -14.66 -0.85 -3.00
CA GLY D 71 -14.81 -1.97 -3.90
C GLY D 71 -13.55 -2.83 -4.03
N GLN D 72 -13.73 -4.06 -4.48
CA GLN D 72 -12.62 -5.01 -4.66
C GLN D 72 -12.26 -5.71 -3.35
N CYS D 73 -12.99 -5.35 -2.29
CA CYS D 73 -12.76 -5.91 -0.97
C CYS D 73 -13.75 -7.01 -0.60
N HIS D 74 -14.62 -7.37 -1.54
CA HIS D 74 -15.64 -8.39 -1.29
C HIS D 74 -15.05 -9.74 -0.88
N VAL D 75 -14.07 -10.23 -1.63
CA VAL D 75 -13.47 -11.51 -1.31
C VAL D 75 -12.79 -11.50 0.07
N GLN D 76 -12.21 -10.37 0.42
CA GLN D 76 -11.57 -10.25 1.72
C GLN D 76 -12.68 -10.38 2.75
N HIS D 77 -13.84 -9.79 2.46
CA HIS D 77 -15.00 -9.86 3.34
C HIS D 77 -15.39 -11.33 3.51
N LEU D 78 -15.36 -12.07 2.42
CA LEU D 78 -15.69 -13.48 2.47
C LEU D 78 -14.71 -14.21 3.40
N TRP D 79 -13.43 -13.93 3.23
CA TRP D 79 -12.41 -14.54 4.06
C TRP D 79 -12.74 -14.36 5.54
N PHE D 80 -12.95 -13.11 5.96
CA PHE D 80 -13.29 -12.86 7.35
C PHE D 80 -14.60 -13.49 7.81
N GLN D 81 -15.57 -13.56 6.92
CA GLN D 81 -16.84 -14.17 7.28
C GLN D 81 -16.61 -15.65 7.58
N SER D 82 -15.81 -16.31 6.75
CA SER D 82 -15.53 -17.73 6.94
C SER D 82 -14.82 -17.98 8.27
N VAL D 83 -13.92 -17.09 8.67
CA VAL D 83 -13.23 -17.31 9.93
C VAL D 83 -14.25 -17.12 11.04
N PHE D 84 -15.04 -16.07 10.90
CA PHE D 84 -16.10 -15.77 11.85
C PHE D 84 -17.04 -16.99 11.93
N ASP D 85 -17.26 -17.65 10.80
CA ASP D 85 -18.13 -18.82 10.78
C ASP D 85 -17.55 -19.92 11.64
N MET D 86 -16.24 -20.16 11.54
CA MET D 86 -15.62 -21.19 12.36
C MET D 86 -15.73 -20.82 13.82
N LEU D 87 -15.62 -19.54 14.11
CA LEU D 87 -15.72 -19.05 15.48
C LEU D 87 -17.07 -19.37 16.07
N ARG D 88 -18.11 -18.89 15.39
CA ARG D 88 -19.49 -19.07 15.82
C ARG D 88 -19.76 -20.51 16.27
N HIS D 89 -18.93 -21.45 15.81
CA HIS D 89 -19.09 -22.85 16.17
C HIS D 89 -18.26 -23.27 17.38
N PHE D 90 -18.21 -22.40 18.39
CA PHE D 90 -17.46 -22.68 19.62
C PHE D 90 -18.22 -22.24 20.86
N LEU E 4 34.38 11.28 21.07
CA LEU E 4 33.40 12.26 21.50
C LEU E 4 32.04 11.61 21.86
N PRO E 5 31.52 10.69 21.02
CA PRO E 5 30.24 10.01 21.29
C PRO E 5 30.30 9.04 22.47
N ALA E 6 29.28 9.06 23.32
CA ALA E 6 29.23 8.21 24.52
C ALA E 6 29.10 6.72 24.25
N THR E 7 30.06 6.17 23.52
CA THR E 7 30.09 4.75 23.17
C THR E 7 30.01 3.84 24.40
N GLY E 8 30.50 4.34 25.53
CA GLY E 8 30.50 3.55 26.75
C GLY E 8 29.15 3.37 27.40
N ASP E 9 28.14 4.10 26.92
CA ASP E 9 26.79 4.00 27.48
C ASP E 9 26.07 2.75 26.99
N PHE E 10 26.68 2.05 26.04
CA PHE E 10 26.09 0.83 25.50
C PHE E 10 26.90 -0.41 25.83
N MET E 11 26.20 -1.52 26.07
CA MET E 11 26.84 -2.78 26.39
C MET E 11 26.25 -3.84 25.46
N ASN E 12 27.13 -4.63 24.84
CA ASN E 12 26.67 -5.68 23.95
C ASN E 12 26.08 -6.75 24.85
N MET E 13 24.80 -7.08 24.66
CA MET E 13 24.19 -8.08 25.53
C MET E 13 22.90 -8.66 25.00
N SER E 14 22.39 -9.66 25.73
CA SER E 14 21.17 -10.35 25.42
C SER E 14 20.43 -10.43 26.75
N PRO E 15 19.10 -10.48 26.73
CA PRO E 15 18.37 -10.55 28.00
C PRO E 15 18.85 -11.67 28.93
N VAL E 16 18.67 -11.45 30.24
CA VAL E 16 19.09 -12.40 31.27
C VAL E 16 17.95 -13.39 31.57
N GLY E 17 17.38 -13.34 32.77
CA GLY E 17 16.29 -14.26 33.05
C GLY E 17 16.08 -14.67 34.50
N LEU F 4 -23.44 9.66 -32.36
CA LEU F 4 -22.43 8.89 -33.06
C LEU F 4 -22.07 7.56 -32.33
N PRO F 5 -22.03 7.56 -30.99
CA PRO F 5 -21.71 6.35 -30.19
C PRO F 5 -22.80 5.29 -30.30
N ALA F 6 -22.43 4.03 -30.50
CA ALA F 6 -23.41 2.95 -30.64
C ALA F 6 -24.17 2.60 -29.35
N THR F 7 -24.87 3.60 -28.80
CA THR F 7 -25.61 3.39 -27.57
C THR F 7 -26.68 2.29 -27.67
N GLY F 8 -27.09 1.98 -28.88
CA GLY F 8 -28.11 0.95 -29.08
C GLY F 8 -27.57 -0.47 -28.92
N ASP F 9 -26.25 -0.61 -28.82
CA ASP F 9 -25.64 -1.93 -28.64
C ASP F 9 -25.79 -2.44 -27.21
N PHE F 10 -26.23 -1.57 -26.30
CA PHE F 10 -26.41 -1.94 -24.91
C PHE F 10 -27.88 -1.96 -24.49
N MET F 11 -28.21 -2.92 -23.63
CA MET F 11 -29.58 -3.09 -23.13
C MET F 11 -29.50 -3.13 -21.60
N ASN F 12 -30.35 -2.34 -20.95
CA ASN F 12 -30.35 -2.33 -19.48
C ASN F 12 -31.00 -3.64 -19.07
N MET F 13 -30.28 -4.45 -18.30
CA MET F 13 -30.85 -5.74 -17.90
C MET F 13 -30.15 -6.40 -16.73
N SER F 14 -30.72 -7.53 -16.32
CA SER F 14 -30.21 -8.35 -15.23
C SER F 14 -30.33 -9.78 -15.75
N PRO F 15 -29.53 -10.70 -15.22
CA PRO F 15 -29.57 -12.09 -15.66
C PRO F 15 -30.98 -12.68 -15.65
N VAL F 16 -31.20 -13.62 -16.57
CA VAL F 16 -32.47 -14.29 -16.72
C VAL F 16 -32.46 -15.55 -15.85
MN MN G . 22.48 9.40 20.56
MN MN H . -16.64 1.72 -26.87
NS 112 I . 23.08 5.65 22.31
C2S 112 I . 23.32 6.73 21.58
O2S 112 I . 22.38 7.52 21.46
C1S 112 I . 24.67 7.05 20.91
PG 112 I . 25.54 10.01 21.38
S1G 112 I . 25.85 8.07 21.89
O2G 112 I . 24.12 10.40 21.55
O3G 112 I . 26.49 10.90 22.11
PB 112 I . 25.17 9.52 18.64
O1B 112 I . 26.10 8.65 17.92
O2B 112 I . 23.73 9.13 18.80
O3B 112 I . 25.75 10.20 19.88
PA 112 I . 24.46 11.52 16.85
O1A 112 I . 24.87 10.96 15.57
O2A 112 I . 23.05 11.49 17.26
O3A 112 I . 25.32 10.83 17.87
O5' 112 I . 24.91 13.08 16.83
C5' 112 I . 26.23 13.60 17.19
C4' 112 I . 26.16 15.00 17.77
O4' 112 I . 25.55 15.88 16.80
C3' 112 I . 25.27 15.11 19.01
O3' 112 I . 26.04 14.92 20.18
C2' 112 I . 24.82 16.56 18.98
O2' 112 I . 25.78 17.40 19.59
C1' 112 I . 24.75 16.84 17.47
N9 112 I . 23.41 16.81 16.88
C8 112 I . 22.67 15.72 16.53
N7 112 I . 21.52 16.02 15.96
C5 112 I . 21.50 17.41 15.96
C6 112 I . 20.55 18.34 15.50
N6 112 I . 19.40 18.00 14.91
N1 112 I . 20.84 19.65 15.66
C2 112 I . 21.99 19.98 16.25
N3 112 I . 22.96 19.21 16.72
C4 112 I . 22.66 17.91 16.55
NS 112 J . -20.15 -0.41 -25.59
C2S 112 J . -19.33 0.54 -26.04
O2S 112 J . -18.15 0.23 -26.08
C1S 112 J . -19.77 1.94 -26.47
PG 112 J . -18.36 3.23 -28.95
S1G 112 J . -20.02 2.27 -28.28
O2G 112 J . -17.14 2.36 -28.82
O3G 112 J . -18.56 3.69 -30.34
PB 112 J . -17.77 4.78 -26.65
O1B 112 J . -18.80 5.47 -25.89
O2B 112 J . -17.08 3.66 -25.98
O3B 112 J . -18.11 4.49 -28.12
PA 112 J . -15.37 6.31 -26.64
O1A 112 J . -15.61 7.11 -25.44
O2A 112 J . -14.36 5.22 -26.56
O3A 112 J . -16.73 5.80 -27.11
O5' 112 J . -14.87 7.27 -27.87
C5' 112 J . -15.55 8.03 -28.92
C4' 112 J . -14.77 7.79 -30.19
O4' 112 J . -13.40 8.13 -29.93
C3' 112 J . -14.74 6.32 -30.60
O3' 112 J . -15.78 6.09 -31.52
C2' 112 J . -13.38 6.12 -31.27
O2' 112 J . -13.44 6.17 -32.67
C1' 112 J . -12.55 7.29 -30.70
N9 112 J . -11.37 6.96 -29.92
C8 112 J . -11.29 6.52 -28.62
N7 112 J . -10.06 6.29 -28.21
C5 112 J . -9.28 6.60 -29.32
C6 112 J . -7.88 6.56 -29.54
N6 112 J . -6.99 6.15 -28.63
N1 112 J . -7.43 6.95 -30.75
C2 112 J . -8.32 7.34 -31.67
N3 112 J . -9.64 7.43 -31.58
C4 112 J . -10.07 7.04 -30.37
#